data_3U5T
#
_entry.id   3U5T
#
_cell.length_a   93.173
_cell.length_b   95.397
_cell.length_c   112.694
_cell.angle_alpha   90.00
_cell.angle_beta   90.00
_cell.angle_gamma   90.00
#
_symmetry.space_group_name_H-M   'P 21 21 2'
#
loop_
_entity.id
_entity.type
_entity.pdbx_description
1 polymer '3-oxoacyl-[acyl-carrier-protein] reductase'
2 water water
#
_entity_poly.entity_id   1
_entity_poly.type   'polypeptide(L)'
_entity_poly.pdbx_seq_one_letter_code
;(MSE)HHHHHHSSGVDLGTENLYFQS(MSE)(MSE)ETNKVAIVTGASRGIGAAIAARLASDGFTVVINYAGKAAAAEEV
AGKIEAAGGKALTAQADVSDPAAVRRLFATAEEAFGGVDVLVNNAGI(MSE)PLTTIAETGDAVFDRVIAVNLKGTFNTL
REAAQRLRVGGRIIN(MSE)STSQVGLLHPSYGIYAAAKAGVEA(MSE)THVLSKELRGRDITVNAVAPGPTATDLFLEG
KSDEVRDRFAKLAPLERLGTPQDIAGAVAFLAGPDGAWVNGQVLRANGGII
;
_entity_poly.pdbx_strand_id   A,B,C,D
#
# COMPACT_ATOMS: atom_id res chain seq x y z
N ASN A 27 6.78 -8.21 9.04
CA ASN A 27 7.14 -8.60 7.68
C ASN A 27 6.04 -9.37 6.94
N LYS A 28 5.39 -10.30 7.63
CA LYS A 28 4.25 -11.00 7.03
C LYS A 28 2.96 -10.23 7.29
N VAL A 29 2.11 -10.16 6.28
CA VAL A 29 0.87 -9.40 6.38
C VAL A 29 -0.35 -10.24 6.00
N ALA A 30 -1.38 -10.18 6.84
CA ALA A 30 -2.57 -10.97 6.58
C ALA A 30 -3.76 -10.04 6.52
N ILE A 31 -4.62 -10.23 5.52
CA ILE A 31 -5.92 -9.57 5.54
C ILE A 31 -6.93 -10.55 6.10
N VAL A 32 -7.69 -10.12 7.10
CA VAL A 32 -8.76 -10.94 7.61
C VAL A 32 -10.07 -10.23 7.35
N THR A 33 -10.94 -10.90 6.64
CA THR A 33 -12.18 -10.32 6.19
C THR A 33 -13.24 -10.65 7.22
N GLY A 34 -14.18 -9.76 7.43
CA GLY A 34 -15.18 -9.94 8.48
C GLY A 34 -14.56 -10.19 9.83
N ALA A 35 -13.67 -9.31 10.28
CA ALA A 35 -12.79 -9.62 11.41
C ALA A 35 -13.07 -8.83 12.68
N SER A 36 -14.26 -8.26 12.80
CA SER A 36 -14.57 -7.38 13.92
C SER A 36 -15.06 -8.10 15.19
N ARG A 37 -15.54 -9.32 15.05
CA ARG A 37 -16.14 -10.02 16.19
C ARG A 37 -15.83 -11.51 16.19
N GLY A 38 -16.24 -12.18 17.25
CA GLY A 38 -16.17 -13.63 17.37
C GLY A 38 -15.01 -14.27 16.66
N ILE A 39 -15.34 -15.22 15.80
CA ILE A 39 -14.35 -16.01 15.09
C ILE A 39 -13.33 -15.14 14.35
N GLY A 40 -13.82 -14.16 13.61
CA GLY A 40 -12.93 -13.26 12.89
C GLY A 40 -11.99 -12.49 13.80
N ALA A 41 -12.51 -11.95 14.89
CA ALA A 41 -11.68 -11.28 15.89
C ALA A 41 -10.59 -12.22 16.43
N ALA A 42 -11.00 -13.45 16.76
CA ALA A 42 -10.09 -14.42 17.31
C ALA A 42 -9.04 -14.83 16.28
N ILE A 43 -9.43 -14.91 15.01
CA ILE A 43 -8.46 -15.24 13.98
C ILE A 43 -7.48 -14.07 13.88
N ALA A 44 -8.01 -12.85 13.94
CA ALA A 44 -7.19 -11.65 13.89
C ALA A 44 -6.21 -11.59 15.06
N ALA A 45 -6.72 -11.75 16.27
CA ALA A 45 -5.83 -11.75 17.43
C ALA A 45 -4.72 -12.80 17.30
N ARG A 46 -5.09 -14.00 16.87
CA ARG A 46 -4.12 -15.11 16.80
C ARG A 46 -3.07 -14.89 15.71
N LEU A 47 -3.51 -14.42 14.55
CA LEU A 47 -2.57 -14.15 13.47
C LEU A 47 -1.58 -13.07 13.93
N ALA A 48 -2.08 -12.04 14.59
CA ALA A 48 -1.23 -11.00 15.14
C ALA A 48 -0.22 -11.62 16.11
N SER A 49 -0.72 -12.47 16.99
CA SER A 49 0.12 -13.14 17.99
C SER A 49 1.18 -14.00 17.32
N ASP A 50 0.81 -14.63 16.21
CA ASP A 50 1.78 -15.39 15.43
C ASP A 50 2.83 -14.46 14.86
N GLY A 51 2.49 -13.19 14.68
CA GLY A 51 3.45 -12.24 14.15
C GLY A 51 3.06 -11.56 12.85
N PHE A 52 1.88 -11.90 12.33
CA PHE A 52 1.35 -11.23 11.16
C PHE A 52 0.89 -9.84 11.53
N THR A 53 1.28 -8.85 10.73
CA THR A 53 0.58 -7.58 10.73
C THR A 53 -0.81 -7.87 10.16
N VAL A 54 -1.84 -7.54 10.93
CA VAL A 54 -3.18 -7.95 10.57
C VAL A 54 -4.05 -6.76 10.16
N VAL A 55 -4.59 -6.83 8.95
CA VAL A 55 -5.60 -5.88 8.51
C VAL A 55 -6.97 -6.34 8.93
N ILE A 56 -7.58 -5.63 9.87
CA ILE A 56 -8.88 -6.01 10.40
C ILE A 56 -9.98 -5.42 9.54
N ASN A 57 -10.52 -6.22 8.62
CA ASN A 57 -11.56 -5.72 7.73
C ASN A 57 -12.98 -5.89 8.28
N TYR A 58 -13.71 -4.80 8.34
CA TYR A 58 -15.08 -4.82 8.83
C TYR A 58 -15.92 -4.13 7.76
N ALA A 59 -17.23 -4.08 7.95
CA ALA A 59 -18.11 -3.50 6.94
C ALA A 59 -19.06 -2.42 7.47
N GLY A 60 -19.34 -2.45 8.77
CA GLY A 60 -20.25 -1.50 9.37
C GLY A 60 -19.58 -0.40 10.16
N LYS A 61 -20.00 -0.24 11.43
CA LYS A 61 -19.37 0.68 12.35
C LYS A 61 -17.98 0.16 12.70
N ALA A 62 -17.06 1.07 12.96
CA ALA A 62 -15.66 0.67 13.12
C ALA A 62 -15.25 0.34 14.54
N ALA A 63 -16.16 0.54 15.49
CA ALA A 63 -15.81 0.47 16.92
C ALA A 63 -15.19 -0.87 17.36
N ALA A 64 -15.95 -1.95 17.19
CA ALA A 64 -15.48 -3.26 17.54
C ALA A 64 -14.13 -3.54 16.89
N ALA A 65 -14.01 -3.19 15.61
CA ALA A 65 -12.78 -3.50 14.90
C ALA A 65 -11.62 -2.74 15.53
N GLU A 66 -11.85 -1.47 15.87
CA GLU A 66 -10.85 -0.70 16.61
C GLU A 66 -10.46 -1.38 17.92
N GLU A 67 -11.44 -1.89 18.63
CA GLU A 67 -11.20 -2.66 19.85
C GLU A 67 -10.24 -3.80 19.57
N VAL A 68 -10.48 -4.55 18.51
CA VAL A 68 -9.60 -5.66 18.17
C VAL A 68 -8.19 -5.17 17.87
N ALA A 69 -8.10 -4.10 17.10
CA ALA A 69 -6.81 -3.48 16.80
C ALA A 69 -6.07 -3.05 18.08
N GLY A 70 -6.79 -2.36 18.95
CA GLY A 70 -6.19 -1.88 20.20
C GLY A 70 -5.59 -3.03 20.95
N LYS A 71 -6.39 -4.05 21.15
CA LYS A 71 -5.98 -5.21 21.90
C LYS A 71 -4.73 -5.83 21.29
N ILE A 72 -4.72 -6.01 19.97
CA ILE A 72 -3.55 -6.54 19.28
C ILE A 72 -2.34 -5.66 19.60
N GLU A 73 -2.58 -4.36 19.68
CA GLU A 73 -1.50 -3.40 19.91
C GLU A 73 -0.97 -3.51 21.35
N ALA A 74 -1.88 -3.41 22.32
CA ALA A 74 -1.54 -3.57 23.73
C ALA A 74 -0.74 -4.84 24.02
N ALA A 75 -0.89 -5.86 23.18
CA ALA A 75 -0.17 -7.12 23.39
C ALA A 75 1.09 -7.26 22.54
N GLY A 76 1.51 -6.16 21.92
CA GLY A 76 2.78 -6.18 21.19
C GLY A 76 2.70 -6.61 19.73
N GLY A 77 1.51 -6.52 19.14
CA GLY A 77 1.35 -6.84 17.74
C GLY A 77 1.08 -5.60 16.90
N LYS A 78 0.97 -5.79 15.59
CA LYS A 78 0.64 -4.70 14.66
C LYS A 78 -0.69 -4.96 13.97
N ALA A 79 -1.55 -3.96 13.95
CA ALA A 79 -2.79 -4.09 13.19
C ALA A 79 -3.25 -2.78 12.61
N LEU A 80 -4.06 -2.90 11.55
CA LEU A 80 -4.68 -1.77 10.89
C LEU A 80 -6.10 -2.18 10.58
N THR A 81 -7.06 -1.29 10.77
CA THR A 81 -8.42 -1.61 10.42
C THR A 81 -8.75 -1.01 9.06
N ALA A 82 -9.70 -1.63 8.35
CA ALA A 82 -10.03 -1.20 7.00
C ALA A 82 -11.46 -1.53 6.62
N GLN A 83 -12.31 -0.52 6.60
CA GLN A 83 -13.68 -0.73 6.21
C GLN A 83 -13.76 -1.05 4.74
N ALA A 84 -14.67 -1.95 4.37
CA ALA A 84 -14.94 -2.32 2.99
C ALA A 84 -15.96 -3.46 2.91
N ASP A 85 -16.94 -3.31 2.04
CA ASP A 85 -17.97 -4.30 1.84
C ASP A 85 -17.46 -5.22 0.75
N VAL A 86 -17.32 -6.50 1.08
CA VAL A 86 -16.61 -7.46 0.22
C VAL A 86 -17.35 -7.81 -1.07
N SER A 87 -18.66 -7.66 -1.09
CA SER A 87 -19.41 -7.89 -2.34
C SER A 87 -19.07 -6.82 -3.37
N ASP A 88 -18.32 -5.80 -2.95
CA ASP A 88 -17.98 -4.71 -3.84
C ASP A 88 -16.58 -4.84 -4.43
N PRO A 89 -16.50 -5.26 -5.69
CA PRO A 89 -15.22 -5.49 -6.38
C PRO A 89 -14.27 -4.32 -6.21
N ALA A 90 -14.72 -3.09 -6.42
CA ALA A 90 -13.84 -1.93 -6.23
C ALA A 90 -13.42 -1.78 -4.76
N ALA A 91 -14.38 -1.77 -3.85
CA ALA A 91 -14.09 -1.70 -2.42
C ALA A 91 -13.01 -2.71 -2.04
N VAL A 92 -13.12 -3.92 -2.59
CA VAL A 92 -12.17 -5.00 -2.31
C VAL A 92 -10.78 -4.66 -2.85
N ARG A 93 -10.73 -4.04 -4.02
CA ARG A 93 -9.45 -3.69 -4.62
C ARG A 93 -8.77 -2.60 -3.78
N ARG A 94 -9.56 -1.74 -3.17
CA ARG A 94 -9.00 -0.70 -2.32
C ARG A 94 -8.35 -1.33 -1.11
N LEU A 95 -9.05 -2.29 -0.53
CA LEU A 95 -8.57 -3.01 0.63
C LEU A 95 -7.18 -3.55 0.38
N PHE A 96 -7.03 -4.37 -0.66
CA PHE A 96 -5.72 -4.92 -0.98
C PHE A 96 -4.69 -3.84 -1.23
N ALA A 97 -5.12 -2.73 -1.84
CA ALA A 97 -4.20 -1.64 -2.18
C ALA A 97 -3.78 -0.90 -0.92
N THR A 98 -4.74 -0.66 -0.03
CA THR A 98 -4.45 -0.05 1.26
C THR A 98 -3.39 -0.83 2.03
N ALA A 99 -3.49 -2.16 1.98
CA ALA A 99 -2.56 -3.01 2.69
C ALA A 99 -1.17 -3.05 2.04
N GLU A 100 -1.14 -3.00 0.72
CA GLU A 100 0.15 -3.02 0.02
C GLU A 100 0.85 -1.67 0.16
N GLU A 101 0.08 -0.61 0.00
CA GLU A 101 0.51 0.73 0.36
C GLU A 101 1.22 0.66 1.71
N ALA A 102 0.42 0.55 2.77
CA ALA A 102 0.93 0.53 4.13
C ALA A 102 2.14 -0.37 4.34
N PHE A 103 2.00 -1.67 4.05
CA PHE A 103 2.98 -2.67 4.53
C PHE A 103 3.74 -3.45 3.48
N GLY A 104 3.47 -3.16 2.21
CA GLY A 104 4.30 -3.65 1.12
C GLY A 104 3.89 -4.94 0.45
N GLY A 105 2.72 -5.48 0.81
CA GLY A 105 2.25 -6.68 0.16
C GLY A 105 1.31 -7.50 1.00
N VAL A 106 0.76 -8.56 0.43
CA VAL A 106 -0.11 -9.45 1.17
C VAL A 106 0.41 -10.88 1.14
N ASP A 107 0.32 -11.55 2.29
CA ASP A 107 0.81 -12.91 2.40
C ASP A 107 -0.34 -13.85 2.73
N VAL A 108 -1.23 -13.40 3.60
CA VAL A 108 -2.34 -14.24 4.01
C VAL A 108 -3.69 -13.57 3.84
N LEU A 109 -4.63 -14.33 3.29
CA LEU A 109 -6.01 -13.91 3.15
C LEU A 109 -6.94 -14.84 3.92
N VAL A 110 -7.84 -14.27 4.70
CA VAL A 110 -8.80 -15.04 5.46
C VAL A 110 -10.18 -14.51 5.24
N ASN A 111 -11.02 -15.30 4.57
CA ASN A 111 -12.39 -14.89 4.27
C ASN A 111 -13.43 -15.31 5.29
N ASN A 112 -13.54 -14.50 6.34
CA ASN A 112 -14.55 -14.73 7.39
C ASN A 112 -15.89 -14.01 7.18
N ALA A 113 -15.91 -12.92 6.41
CA ALA A 113 -17.15 -12.20 6.21
C ALA A 113 -18.25 -13.11 5.68
N GLY A 114 -19.44 -12.97 6.23
CA GLY A 114 -20.57 -13.76 5.79
C GLY A 114 -21.83 -13.32 6.49
N ILE A 115 -22.97 -13.83 6.04
CA ILE A 115 -24.22 -13.67 6.75
C ILE A 115 -24.97 -14.98 6.71
N PRO A 117 -28.82 -15.65 7.47
CA PRO A 117 -30.26 -15.66 7.74
C PRO A 117 -30.75 -17.07 7.46
N LEU A 118 -31.74 -17.55 8.19
CA LEU A 118 -32.23 -18.89 7.97
C LEU A 118 -33.64 -18.88 7.39
N THR A 119 -33.79 -19.49 6.23
CA THR A 119 -35.10 -19.65 5.63
C THR A 119 -35.15 -20.96 4.88
N THR A 120 -36.26 -21.66 4.94
CA THR A 120 -36.48 -22.78 4.02
C THR A 120 -36.44 -22.23 2.60
N ILE A 121 -36.14 -23.10 1.64
CA ILE A 121 -36.08 -22.66 0.26
C ILE A 121 -37.42 -22.05 -0.17
N ALA A 122 -38.50 -22.68 0.27
CA ALA A 122 -39.84 -22.27 -0.09
C ALA A 122 -40.16 -20.87 0.44
N GLU A 123 -39.45 -20.46 1.48
CA GLU A 123 -39.74 -19.18 2.13
C GLU A 123 -38.68 -18.13 1.91
N THR A 124 -37.78 -18.37 0.97
CA THR A 124 -36.67 -17.46 0.72
C THR A 124 -37.07 -16.39 -0.29
N GLY A 125 -37.04 -15.13 0.13
CA GLY A 125 -37.34 -14.05 -0.77
C GLY A 125 -36.13 -13.77 -1.63
N ASP A 126 -36.31 -12.99 -2.69
CA ASP A 126 -35.23 -12.69 -3.62
C ASP A 126 -34.12 -11.90 -2.96
N ALA A 127 -34.50 -10.95 -2.11
CA ALA A 127 -33.49 -10.14 -1.46
C ALA A 127 -32.68 -11.01 -0.53
N VAL A 128 -33.34 -11.91 0.18
CA VAL A 128 -32.62 -12.81 1.07
C VAL A 128 -31.65 -13.70 0.27
N PHE A 129 -32.16 -14.31 -0.79
CA PHE A 129 -31.32 -15.18 -1.62
C PHE A 129 -30.12 -14.41 -2.15
N ASP A 130 -30.37 -13.28 -2.79
CA ASP A 130 -29.34 -12.44 -3.40
C ASP A 130 -28.31 -11.97 -2.41
N ARG A 131 -28.78 -11.65 -1.20
CA ARG A 131 -27.90 -11.15 -0.13
C ARG A 131 -26.90 -12.24 0.33
N VAL A 132 -27.43 -13.39 0.75
CA VAL A 132 -26.61 -14.53 1.11
C VAL A 132 -25.55 -14.87 0.06
N ILE A 133 -25.95 -14.82 -1.21
CA ILE A 133 -25.03 -15.05 -2.31
C ILE A 133 -24.00 -13.94 -2.48
N ALA A 134 -24.45 -12.69 -2.46
CA ALA A 134 -23.51 -11.60 -2.65
C ALA A 134 -22.42 -11.63 -1.59
N VAL A 135 -22.82 -11.65 -0.33
CA VAL A 135 -21.85 -11.59 0.75
C VAL A 135 -20.97 -12.82 0.81
N ASN A 136 -21.61 -13.98 0.92
CA ASN A 136 -20.88 -15.24 1.08
C ASN A 136 -20.10 -15.71 -0.15
N LEU A 137 -20.76 -15.74 -1.30
CA LEU A 137 -20.14 -16.27 -2.51
C LEU A 137 -19.37 -15.21 -3.31
N LYS A 138 -20.09 -14.21 -3.83
CA LYS A 138 -19.45 -13.13 -4.57
C LYS A 138 -18.39 -12.39 -3.75
N GLY A 139 -18.71 -12.07 -2.50
CA GLY A 139 -17.72 -11.42 -1.66
C GLY A 139 -16.43 -12.22 -1.53
N THR A 140 -16.55 -13.51 -1.25
CA THR A 140 -15.37 -14.34 -1.15
C THR A 140 -14.69 -14.49 -2.50
N PHE A 141 -15.49 -14.61 -3.54
CA PHE A 141 -14.93 -14.69 -4.88
C PHE A 141 -14.09 -13.44 -5.18
N ASN A 142 -14.61 -12.28 -4.77
CA ASN A 142 -13.91 -10.99 -5.05
C ASN A 142 -12.52 -10.97 -4.47
N THR A 143 -12.38 -11.44 -3.25
CA THR A 143 -11.08 -11.47 -2.61
C THR A 143 -10.20 -12.57 -3.20
N LEU A 144 -10.85 -13.66 -3.60
CA LEU A 144 -10.14 -14.76 -4.23
C LEU A 144 -9.50 -14.30 -5.54
N ARG A 145 -10.29 -13.60 -6.36
CA ARG A 145 -9.79 -13.09 -7.62
C ARG A 145 -8.61 -12.13 -7.41
N GLU A 146 -8.78 -11.23 -6.45
CA GLU A 146 -7.74 -10.26 -6.13
C GLU A 146 -6.48 -10.92 -5.61
N ALA A 147 -6.67 -11.89 -4.73
CA ALA A 147 -5.56 -12.57 -4.12
C ALA A 147 -4.76 -13.27 -5.20
N ALA A 148 -5.45 -13.84 -6.18
CA ALA A 148 -4.77 -14.60 -7.23
C ALA A 148 -3.83 -13.70 -7.99
N GLN A 149 -4.15 -12.42 -8.04
CA GLN A 149 -3.32 -11.48 -8.75
C GLN A 149 -2.20 -10.90 -7.88
N ARG A 150 -2.44 -10.74 -6.58
CA ARG A 150 -1.53 -9.97 -5.72
C ARG A 150 -0.84 -10.71 -4.58
N LEU A 151 -1.34 -11.88 -4.20
CA LEU A 151 -0.80 -12.56 -3.03
C LEU A 151 0.65 -12.95 -3.28
N ARG A 152 1.51 -12.65 -2.30
CA ARG A 152 2.92 -13.00 -2.42
C ARG A 152 3.15 -14.51 -2.39
N VAL A 153 4.14 -14.97 -3.14
CA VAL A 153 4.51 -16.37 -3.12
C VAL A 153 4.75 -16.85 -1.69
N GLY A 154 4.42 -18.12 -1.44
CA GLY A 154 4.50 -18.68 -0.10
C GLY A 154 3.25 -18.32 0.66
N GLY A 155 2.32 -17.66 -0.02
CA GLY A 155 1.09 -17.20 0.61
C GLY A 155 0.14 -18.30 1.08
N ARG A 156 -0.77 -17.95 1.98
CA ARG A 156 -1.79 -18.86 2.46
C ARG A 156 -3.16 -18.19 2.39
N ILE A 157 -4.16 -18.91 1.88
CA ILE A 157 -5.53 -18.40 1.78
C ILE A 157 -6.50 -19.33 2.50
N ILE A 158 -7.18 -18.83 3.52
CA ILE A 158 -8.16 -19.65 4.23
C ILE A 158 -9.58 -19.13 4.15
N ASN A 159 -10.43 -19.91 3.50
CA ASN A 159 -11.83 -19.54 3.38
C ASN A 159 -12.63 -20.12 4.52
N SER A 161 -15.91 -21.76 5.70
CA SER A 161 -17.13 -22.40 5.25
C SER A 161 -18.00 -22.66 6.46
N THR A 162 -18.69 -23.79 6.45
CA THR A 162 -19.60 -24.15 7.51
C THR A 162 -19.75 -25.68 7.54
N SER A 163 -20.13 -26.22 8.69
CA SER A 163 -20.30 -27.66 8.76
C SER A 163 -21.64 -28.05 8.18
N GLN A 164 -22.50 -27.06 8.00
CA GLN A 164 -23.80 -27.27 7.35
C GLN A 164 -23.67 -27.77 5.91
N VAL A 165 -22.51 -27.58 5.28
CA VAL A 165 -22.30 -28.15 3.95
C VAL A 165 -22.47 -29.66 4.02
N GLY A 166 -22.14 -30.25 5.17
CA GLY A 166 -22.34 -31.67 5.38
C GLY A 166 -23.65 -31.96 6.09
N LEU A 167 -23.94 -31.19 7.13
CA LEU A 167 -25.13 -31.41 7.92
C LEU A 167 -26.37 -31.19 7.07
N LEU A 168 -26.49 -30.01 6.48
CA LEU A 168 -27.52 -29.74 5.48
C LEU A 168 -28.90 -29.80 6.08
N HIS A 169 -29.09 -29.06 7.17
CA HIS A 169 -30.38 -29.03 7.84
C HIS A 169 -31.35 -28.08 7.16
N PRO A 170 -32.67 -28.35 7.30
CA PRO A 170 -33.71 -27.44 6.84
C PRO A 170 -33.39 -26.01 7.26
N SER A 171 -33.71 -25.06 6.38
CA SER A 171 -33.51 -23.63 6.58
C SER A 171 -32.09 -23.14 6.33
N TYR A 172 -31.15 -24.07 6.17
CA TYR A 172 -29.75 -23.71 5.93
C TYR A 172 -29.35 -23.87 4.46
N GLY A 173 -30.34 -24.08 3.60
CA GLY A 173 -30.10 -24.42 2.20
C GLY A 173 -29.40 -23.37 1.35
N ILE A 174 -29.77 -22.11 1.55
CA ILE A 174 -29.13 -21.02 0.83
C ILE A 174 -27.72 -20.71 1.36
N TYR A 175 -27.58 -20.70 2.69
CA TYR A 175 -26.29 -20.53 3.34
C TYR A 175 -25.33 -21.62 2.89
N ALA A 176 -25.80 -22.86 2.94
CA ALA A 176 -24.96 -24.00 2.58
C ALA A 176 -24.59 -24.03 1.10
N ALA A 177 -25.54 -23.62 0.24
CA ALA A 177 -25.28 -23.56 -1.19
C ALA A 177 -24.15 -22.59 -1.45
N ALA A 178 -24.21 -21.43 -0.81
CA ALA A 178 -23.19 -20.41 -0.97
C ALA A 178 -21.85 -20.93 -0.48
N LYS A 179 -21.85 -21.49 0.72
CA LYS A 179 -20.64 -22.00 1.33
C LYS A 179 -20.06 -23.21 0.58
N ALA A 180 -20.94 -24.05 0.04
CA ALA A 180 -20.52 -25.15 -0.84
C ALA A 180 -19.78 -24.60 -2.07
N GLY A 181 -20.32 -23.53 -2.64
CA GLY A 181 -19.64 -22.82 -3.73
C GLY A 181 -18.26 -22.32 -3.34
N VAL A 182 -18.15 -21.80 -2.12
CA VAL A 182 -16.85 -21.37 -1.60
C VAL A 182 -15.89 -22.55 -1.55
N GLU A 183 -16.38 -23.70 -1.12
CA GLU A 183 -15.52 -24.90 -1.01
C GLU A 183 -15.01 -25.33 -2.38
N ALA A 184 -15.90 -25.31 -3.36
CA ALA A 184 -15.53 -25.63 -4.73
C ALA A 184 -14.46 -24.67 -5.22
N THR A 186 -12.39 -23.02 -3.39
CA THR A 186 -11.20 -23.37 -2.63
C THR A 186 -10.34 -24.44 -3.33
N HIS A 187 -11.00 -25.50 -3.81
CA HIS A 187 -10.28 -26.62 -4.41
C HIS A 187 -9.69 -26.23 -5.73
N VAL A 188 -10.53 -25.65 -6.60
CA VAL A 188 -10.13 -25.22 -7.93
C VAL A 188 -9.06 -24.12 -7.88
N LEU A 189 -9.17 -23.20 -6.94
CA LEU A 189 -8.16 -22.16 -6.84
C LEU A 189 -6.80 -22.73 -6.48
N SER A 190 -6.77 -23.70 -5.56
CA SER A 190 -5.47 -24.24 -5.16
C SER A 190 -4.74 -24.87 -6.35
N LYS A 191 -5.51 -25.36 -7.32
CA LYS A 191 -4.90 -25.97 -8.51
C LYS A 191 -4.52 -24.89 -9.48
N GLU A 192 -5.38 -23.90 -9.64
CA GLU A 192 -5.10 -22.77 -10.52
C GLU A 192 -3.85 -22.01 -10.08
N LEU A 193 -3.54 -22.04 -8.79
CA LEU A 193 -2.41 -21.30 -8.28
C LEU A 193 -1.11 -22.10 -8.36
N ARG A 194 -1.15 -23.22 -9.07
CA ARG A 194 0.05 -24.01 -9.27
C ARG A 194 1.19 -23.11 -9.72
N GLY A 195 2.38 -23.37 -9.17
CA GLY A 195 3.57 -22.65 -9.60
C GLY A 195 3.91 -21.43 -8.77
N ARG A 196 3.09 -21.14 -7.76
CA ARG A 196 3.35 -19.96 -6.94
C ARG A 196 3.50 -20.24 -5.47
N ASP A 197 3.42 -21.52 -5.10
CA ASP A 197 3.59 -21.91 -3.71
C ASP A 197 2.62 -21.12 -2.87
N ILE A 198 1.36 -21.12 -3.29
CA ILE A 198 0.28 -20.59 -2.47
C ILE A 198 -0.75 -21.68 -2.19
N THR A 199 -1.00 -21.95 -0.91
CA THR A 199 -2.01 -22.92 -0.53
C THR A 199 -3.38 -22.28 -0.41
N VAL A 200 -4.41 -23.06 -0.65
CA VAL A 200 -5.78 -22.61 -0.45
C VAL A 200 -6.60 -23.68 0.26
N ASN A 201 -7.10 -23.35 1.43
CA ASN A 201 -7.92 -24.26 2.20
C ASN A 201 -9.09 -23.53 2.79
N ALA A 202 -9.97 -24.26 3.44
CA ALA A 202 -11.08 -23.66 4.14
C ALA A 202 -11.20 -24.26 5.52
N VAL A 203 -11.74 -23.47 6.45
CA VAL A 203 -12.09 -23.98 7.76
C VAL A 203 -13.59 -23.96 7.88
N ALA A 204 -14.15 -25.14 8.08
CA ALA A 204 -15.60 -25.28 8.26
C ALA A 204 -15.93 -25.38 9.74
N PRO A 205 -16.33 -24.27 10.35
CA PRO A 205 -16.63 -24.36 11.77
C PRO A 205 -18.00 -24.97 12.02
N GLY A 206 -18.15 -25.62 13.16
CA GLY A 206 -19.47 -26.02 13.60
C GLY A 206 -20.04 -24.79 14.27
N PRO A 207 -21.09 -24.96 15.06
CA PRO A 207 -21.60 -23.83 15.85
C PRO A 207 -20.63 -23.46 16.97
N THR A 208 -20.41 -22.16 17.14
CA THR A 208 -19.53 -21.66 18.19
C THR A 208 -20.29 -20.64 19.04
N ALA A 209 -19.63 -20.10 20.05
CA ALA A 209 -20.25 -19.03 20.84
C ALA A 209 -19.55 -17.67 20.64
N VAL A 221 -31.06 -27.11 27.22
CA VAL A 221 -30.92 -26.69 25.83
C VAL A 221 -29.51 -26.22 25.52
N ARG A 222 -28.92 -25.47 26.45
CA ARG A 222 -27.53 -25.06 26.33
C ARG A 222 -26.63 -26.26 26.60
N ASP A 223 -26.98 -27.03 27.62
CA ASP A 223 -26.28 -28.28 27.91
C ASP A 223 -26.41 -29.21 26.72
N ARG A 224 -27.60 -29.20 26.11
CA ARG A 224 -27.87 -30.00 24.94
C ARG A 224 -26.97 -29.57 23.77
N PHE A 225 -26.74 -28.26 23.65
CA PHE A 225 -25.90 -27.73 22.59
C PHE A 225 -24.43 -27.78 22.97
N ALA A 226 -24.15 -27.64 24.25
CA ALA A 226 -22.80 -27.84 24.76
C ALA A 226 -22.41 -29.30 24.55
N LYS A 227 -23.36 -30.20 24.75
CA LYS A 227 -23.09 -31.64 24.62
C LYS A 227 -23.39 -32.15 23.23
N LEU A 228 -23.53 -31.23 22.27
CA LEU A 228 -23.87 -31.60 20.92
C LEU A 228 -22.75 -32.45 20.35
N ALA A 229 -21.51 -32.02 20.58
CA ALA A 229 -20.36 -32.78 20.10
C ALA A 229 -19.96 -33.84 21.12
N PRO A 230 -19.31 -34.93 20.65
CA PRO A 230 -18.75 -35.97 21.52
C PRO A 230 -17.93 -35.37 22.67
N LEU A 231 -17.10 -34.37 22.37
CA LEU A 231 -16.28 -33.73 23.40
C LEU A 231 -17.20 -33.10 24.44
N GLU A 232 -18.47 -32.96 24.10
CA GLU A 232 -19.48 -32.46 25.02
C GLU A 232 -19.08 -31.15 25.71
N ARG A 233 -18.51 -30.23 24.94
CA ARG A 233 -18.34 -28.85 25.37
C ARG A 233 -18.59 -27.95 24.17
N LEU A 234 -18.94 -26.71 24.44
CA LEU A 234 -19.11 -25.74 23.37
C LEU A 234 -17.76 -25.36 22.77
N GLY A 235 -17.68 -25.33 21.45
CA GLY A 235 -16.48 -24.89 20.77
C GLY A 235 -16.32 -23.38 20.85
N THR A 236 -15.10 -22.89 20.62
CA THR A 236 -14.81 -21.47 20.83
C THR A 236 -14.15 -20.79 19.63
N PRO A 237 -14.36 -19.46 19.52
CA PRO A 237 -13.65 -18.61 18.56
C PRO A 237 -12.20 -19.02 18.44
N GLN A 238 -11.58 -19.34 19.57
CA GLN A 238 -10.15 -19.68 19.60
C GLN A 238 -9.85 -21.06 19.08
N ASP A 239 -10.79 -21.99 19.26
CA ASP A 239 -10.65 -23.30 18.63
C ASP A 239 -10.50 -23.12 17.13
N ILE A 240 -11.38 -22.32 16.55
CA ILE A 240 -11.35 -22.08 15.11
C ILE A 240 -10.09 -21.32 14.73
N ALA A 241 -9.75 -20.31 15.51
CA ALA A 241 -8.52 -19.58 15.30
C ALA A 241 -7.37 -20.55 15.32
N GLY A 242 -7.52 -21.65 16.01
CA GLY A 242 -6.49 -22.65 16.01
C GLY A 242 -6.24 -23.30 14.68
N ALA A 243 -7.27 -23.77 14.05
CA ALA A 243 -7.10 -24.43 12.76
C ALA A 243 -6.65 -23.47 11.70
N VAL A 244 -7.05 -22.22 11.81
CA VAL A 244 -6.63 -21.20 10.89
C VAL A 244 -5.17 -20.93 11.12
N ALA A 245 -4.79 -20.72 12.36
CA ALA A 245 -3.44 -20.37 12.66
C ALA A 245 -2.53 -21.42 12.11
N PHE A 246 -2.98 -22.66 12.15
CA PHE A 246 -2.21 -23.80 11.66
C PHE A 246 -2.09 -23.85 10.14
N LEU A 247 -3.21 -23.63 9.44
CA LEU A 247 -3.18 -23.57 7.98
C LEU A 247 -2.28 -22.45 7.45
N ALA A 248 -2.23 -21.32 8.17
CA ALA A 248 -1.36 -20.21 7.80
C ALA A 248 0.05 -20.48 8.32
N GLY A 249 0.14 -21.41 9.27
CA GLY A 249 1.38 -21.62 10.01
C GLY A 249 2.38 -22.43 9.22
N PRO A 250 3.43 -22.85 9.91
CA PRO A 250 4.51 -23.62 9.31
C PRO A 250 4.12 -25.08 9.30
N ASP A 251 3.19 -25.43 10.17
CA ASP A 251 2.75 -26.80 10.26
C ASP A 251 1.62 -27.10 9.30
N GLY A 252 1.46 -26.29 8.26
CA GLY A 252 0.38 -26.45 7.32
C GLY A 252 0.85 -26.41 5.90
N ALA A 253 2.01 -25.84 5.71
CA ALA A 253 2.62 -25.78 4.38
C ALA A 253 2.19 -26.86 3.37
N TRP A 254 2.00 -28.08 3.83
CA TRP A 254 1.72 -29.16 2.88
C TRP A 254 0.24 -29.31 2.60
N VAL A 255 -0.60 -28.90 3.55
CA VAL A 255 -2.04 -28.87 3.35
C VAL A 255 -2.50 -27.84 2.32
N ASN A 256 -3.05 -28.27 1.19
CA ASN A 256 -3.95 -27.40 0.42
C ASN A 256 -4.98 -28.13 -0.42
N GLY A 257 -5.94 -27.37 -0.93
CA GLY A 257 -7.11 -27.93 -1.60
C GLY A 257 -8.05 -28.57 -0.59
N GLN A 258 -7.96 -28.14 0.67
CA GLN A 258 -8.65 -28.87 1.71
C GLN A 258 -9.72 -28.10 2.45
N VAL A 259 -10.77 -28.81 2.82
CA VAL A 259 -11.76 -28.35 3.76
C VAL A 259 -11.48 -28.99 5.12
N LEU A 260 -11.17 -28.17 6.12
CA LEU A 260 -10.91 -28.68 7.45
C LEU A 260 -12.05 -28.29 8.39
N ARG A 261 -12.80 -29.29 8.81
CA ARG A 261 -13.90 -29.06 9.73
C ARG A 261 -13.43 -29.01 11.20
N ALA A 262 -13.70 -27.88 11.84
CA ALA A 262 -13.40 -27.65 13.24
C ALA A 262 -14.71 -27.55 13.97
N ASN A 263 -15.40 -28.69 14.12
CA ASN A 263 -16.73 -28.72 14.69
C ASN A 263 -16.81 -29.52 16.00
N GLY A 264 -15.76 -30.29 16.29
CA GLY A 264 -15.69 -31.03 17.55
C GLY A 264 -16.25 -32.43 17.50
N GLY A 265 -16.28 -33.02 16.30
CA GLY A 265 -16.75 -34.38 16.12
C GLY A 265 -18.19 -34.53 15.64
N ILE A 266 -18.86 -33.42 15.33
CA ILE A 266 -20.28 -33.47 14.96
C ILE A 266 -20.58 -33.98 13.54
N ILE A 267 -19.58 -33.93 12.66
CA ILE A 267 -19.72 -34.50 11.31
C ILE A 267 -18.40 -34.48 10.56
N ASN B 27 -0.23 33.61 -31.82
CA ASN B 27 -1.59 34.10 -31.86
C ASN B 27 -1.96 34.72 -30.54
N LYS B 28 -1.14 34.49 -29.53
CA LYS B 28 -1.43 34.84 -28.15
C LYS B 28 -0.84 36.18 -27.73
N VAL B 29 -1.56 36.90 -26.88
CA VAL B 29 -1.34 38.31 -26.58
C VAL B 29 -1.22 38.64 -25.08
N ALA B 30 -0.19 39.38 -24.73
CA ALA B 30 0.05 39.72 -23.34
C ALA B 30 0.10 41.22 -23.14
N ILE B 31 -0.18 41.64 -21.91
CA ILE B 31 -0.06 43.03 -21.49
C ILE B 31 0.83 43.12 -20.25
N VAL B 32 1.96 43.78 -20.37
CA VAL B 32 2.81 44.00 -19.21
C VAL B 32 2.72 45.47 -18.75
N THR B 33 2.20 45.70 -17.55
CA THR B 33 2.26 47.03 -16.95
C THR B 33 3.66 47.28 -16.38
N GLY B 34 4.13 48.53 -16.48
CA GLY B 34 5.46 48.89 -16.05
C GLY B 34 6.54 48.14 -16.79
N ALA B 35 6.37 47.99 -18.09
CA ALA B 35 7.26 47.15 -18.89
C ALA B 35 8.41 47.91 -19.55
N SER B 36 8.66 49.14 -19.11
CA SER B 36 9.63 49.97 -19.82
C SER B 36 11.08 49.82 -19.34
N ARG B 37 11.29 49.28 -18.14
CA ARG B 37 12.64 48.98 -17.70
C ARG B 37 12.72 47.74 -16.82
N GLY B 38 13.88 47.55 -16.22
CA GLY B 38 14.14 46.48 -15.27
C GLY B 38 13.38 45.18 -15.48
N ILE B 39 12.66 44.77 -14.45
CA ILE B 39 12.01 43.47 -14.43
C ILE B 39 10.91 43.35 -15.47
N GLY B 40 10.13 44.42 -15.62
CA GLY B 40 9.04 44.42 -16.57
C GLY B 40 9.56 44.27 -17.98
N ALA B 41 10.59 45.05 -18.31
CA ALA B 41 11.20 44.97 -19.62
C ALA B 41 11.66 43.55 -19.87
N ALA B 42 12.34 42.98 -18.89
CA ALA B 42 12.84 41.62 -18.98
C ALA B 42 11.70 40.66 -19.29
N ILE B 43 10.67 40.68 -18.45
CA ILE B 43 9.46 39.89 -18.66
C ILE B 43 8.90 40.10 -20.06
N ALA B 44 8.84 41.36 -20.48
CA ALA B 44 8.28 41.69 -21.78
C ALA B 44 9.08 41.04 -22.90
N ALA B 45 10.39 41.00 -22.73
CA ALA B 45 11.27 40.48 -23.76
C ALA B 45 11.27 38.96 -23.73
N ARG B 46 10.95 38.39 -22.57
CA ARG B 46 10.89 36.94 -22.46
C ARG B 46 9.61 36.44 -23.10
N LEU B 47 8.48 37.03 -22.73
CA LEU B 47 7.20 36.64 -23.25
C LEU B 47 7.18 36.76 -24.78
N ALA B 48 7.74 37.85 -25.28
CA ALA B 48 7.87 38.07 -26.72
C ALA B 48 8.65 36.93 -27.35
N SER B 49 9.79 36.61 -26.74
CA SER B 49 10.62 35.48 -27.16
C SER B 49 9.87 34.15 -27.21
N ASP B 50 9.02 33.91 -26.23
CA ASP B 50 8.28 32.65 -26.18
C ASP B 50 7.10 32.66 -27.15
N GLY B 51 6.86 33.80 -27.78
CA GLY B 51 5.87 33.90 -28.85
C GLY B 51 4.59 34.62 -28.50
N PHE B 52 4.63 35.46 -27.47
CA PHE B 52 3.50 36.30 -27.15
C PHE B 52 3.66 37.63 -27.89
N THR B 53 2.58 38.13 -28.47
CA THR B 53 2.58 39.51 -28.88
C THR B 53 2.38 40.31 -27.61
N VAL B 54 3.29 41.24 -27.34
CA VAL B 54 3.29 41.88 -26.04
C VAL B 54 2.94 43.35 -26.09
N VAL B 55 2.04 43.76 -25.20
CA VAL B 55 1.71 45.16 -25.06
C VAL B 55 2.53 45.78 -23.94
N ILE B 56 3.56 46.53 -24.31
CA ILE B 56 4.44 47.20 -23.35
C ILE B 56 3.82 48.50 -22.81
N ASN B 57 3.30 48.45 -21.59
CA ASN B 57 2.69 49.60 -20.93
C ASN B 57 3.65 50.42 -20.09
N TYR B 58 3.47 51.74 -20.10
CA TYR B 58 4.31 52.67 -19.37
C TYR B 58 3.48 53.87 -18.95
N ALA B 59 3.97 54.62 -17.97
CA ALA B 59 3.20 55.75 -17.45
C ALA B 59 3.68 57.13 -17.93
N GLY B 60 4.98 57.35 -17.99
CA GLY B 60 5.47 58.67 -18.33
C GLY B 60 5.97 58.83 -19.75
N LYS B 61 7.24 59.20 -19.89
CA LYS B 61 7.90 59.26 -21.18
C LYS B 61 7.83 57.91 -21.89
N ALA B 62 7.71 57.94 -23.22
CA ALA B 62 7.61 56.73 -24.01
C ALA B 62 8.95 56.12 -24.46
N ALA B 63 10.04 56.87 -24.32
CA ALA B 63 11.31 56.49 -24.92
C ALA B 63 11.82 55.09 -24.57
N ALA B 64 11.90 54.80 -23.27
CA ALA B 64 12.38 53.50 -22.82
C ALA B 64 11.48 52.37 -23.34
N ALA B 65 10.18 52.53 -23.18
CA ALA B 65 9.24 51.53 -23.68
C ALA B 65 9.44 51.32 -25.16
N GLU B 66 9.58 52.42 -25.90
CA GLU B 66 9.77 52.34 -27.34
C GLU B 66 11.01 51.54 -27.71
N GLU B 67 12.14 51.84 -27.06
CA GLU B 67 13.35 51.07 -27.29
C GLU B 67 13.10 49.60 -26.98
N VAL B 68 12.46 49.33 -25.85
CA VAL B 68 12.16 47.94 -25.45
C VAL B 68 11.41 47.21 -26.56
N ALA B 69 10.54 47.93 -27.26
CA ALA B 69 9.68 47.31 -28.26
C ALA B 69 10.42 47.04 -29.58
N GLY B 70 11.32 47.96 -29.94
CA GLY B 70 12.09 47.81 -31.15
C GLY B 70 13.05 46.65 -31.00
N LYS B 71 13.50 46.43 -29.77
CA LYS B 71 14.38 45.31 -29.52
C LYS B 71 13.63 44.00 -29.69
N ILE B 72 12.43 43.94 -29.15
CA ILE B 72 11.58 42.76 -29.33
C ILE B 72 11.36 42.51 -30.81
N GLU B 73 11.09 43.58 -31.55
CA GLU B 73 10.82 43.40 -32.97
C GLU B 73 12.10 43.10 -33.76
N ALA B 74 13.17 43.81 -33.43
CA ALA B 74 14.49 43.50 -34.00
C ALA B 74 14.86 42.04 -33.76
N ALA B 75 14.27 41.44 -32.74
CA ALA B 75 14.50 40.02 -32.47
C ALA B 75 13.53 39.13 -33.25
N GLY B 76 12.59 39.76 -33.96
CA GLY B 76 11.58 39.03 -34.70
C GLY B 76 10.32 38.78 -33.88
N GLY B 77 10.29 39.34 -32.68
CA GLY B 77 9.08 39.31 -31.87
C GLY B 77 8.07 40.29 -32.41
N LYS B 78 6.93 40.41 -31.74
CA LYS B 78 5.95 41.43 -32.06
C LYS B 78 5.64 42.16 -30.76
N ALA B 79 5.50 43.49 -30.84
CA ALA B 79 5.39 44.32 -29.65
C ALA B 79 4.67 45.62 -29.93
N LEU B 80 4.14 46.25 -28.87
CA LEU B 80 3.38 47.48 -29.02
C LEU B 80 3.37 48.29 -27.73
N THR B 81 3.72 49.57 -27.80
CA THR B 81 3.66 50.39 -26.61
C THR B 81 2.27 50.98 -26.46
N ALA B 82 1.90 51.28 -25.22
CA ALA B 82 0.57 51.82 -24.92
C ALA B 82 0.64 52.58 -23.61
N GLN B 83 0.52 53.90 -23.66
CA GLN B 83 0.60 54.69 -22.43
C GLN B 83 -0.66 54.58 -21.59
N ALA B 84 -0.48 54.44 -20.27
CA ALA B 84 -1.58 54.42 -19.32
C ALA B 84 -1.09 54.33 -17.89
N ASP B 85 -1.66 55.20 -17.05
CA ASP B 85 -1.51 55.14 -15.61
C ASP B 85 -2.47 54.04 -15.12
N VAL B 86 -1.93 53.00 -14.49
CA VAL B 86 -2.76 51.87 -14.02
C VAL B 86 -3.75 52.28 -12.94
N SER B 87 -3.47 53.37 -12.22
CA SER B 87 -4.38 53.87 -11.20
C SER B 87 -5.57 54.63 -11.80
N ASP B 88 -5.61 54.72 -13.13
CA ASP B 88 -6.69 55.43 -13.80
C ASP B 88 -7.58 54.48 -14.57
N PRO B 89 -8.71 54.07 -13.97
CA PRO B 89 -9.65 53.08 -14.48
C PRO B 89 -9.97 53.34 -15.95
N ALA B 90 -10.00 54.61 -16.31
CA ALA B 90 -10.26 55.02 -17.68
C ALA B 90 -9.12 54.59 -18.59
N ALA B 91 -7.90 54.96 -18.20
CA ALA B 91 -6.71 54.60 -18.96
C ALA B 91 -6.62 53.08 -19.09
N VAL B 92 -6.89 52.39 -17.99
CA VAL B 92 -6.83 50.94 -18.01
C VAL B 92 -7.83 50.38 -19.05
N ARG B 93 -9.03 50.92 -19.07
CA ARG B 93 -10.00 50.50 -20.07
C ARG B 93 -9.45 50.78 -21.47
N ARG B 94 -8.80 51.94 -21.61
CA ARG B 94 -8.23 52.33 -22.89
C ARG B 94 -7.22 51.28 -23.32
N LEU B 95 -6.27 51.01 -22.43
CA LEU B 95 -5.23 50.03 -22.67
C LEU B 95 -5.79 48.72 -23.23
N PHE B 96 -6.79 48.16 -22.56
CA PHE B 96 -7.37 46.89 -23.02
C PHE B 96 -8.08 47.02 -24.36
N ALA B 97 -8.84 48.10 -24.53
CA ALA B 97 -9.49 48.35 -25.80
C ALA B 97 -8.46 48.33 -26.93
N THR B 98 -7.30 48.95 -26.69
CA THR B 98 -6.23 49.04 -27.69
C THR B 98 -5.63 47.67 -28.07
N ALA B 99 -5.39 46.84 -27.08
CA ALA B 99 -4.85 45.53 -27.36
C ALA B 99 -5.86 44.73 -28.17
N GLU B 100 -7.13 44.90 -27.86
CA GLU B 100 -8.18 44.17 -28.58
C GLU B 100 -8.45 44.80 -29.93
N GLU B 101 -8.33 46.12 -30.01
CA GLU B 101 -8.41 46.80 -31.28
C GLU B 101 -7.35 46.18 -32.17
N ALA B 102 -6.12 46.16 -31.67
CA ALA B 102 -4.98 45.77 -32.48
C ALA B 102 -4.84 44.25 -32.65
N PHE B 103 -4.98 43.50 -31.57
CA PHE B 103 -4.64 42.09 -31.62
C PHE B 103 -5.81 41.12 -31.42
N GLY B 104 -6.99 41.68 -31.15
CA GLY B 104 -8.20 40.90 -31.15
C GLY B 104 -8.50 40.13 -29.88
N GLY B 105 -7.70 40.36 -28.84
CA GLY B 105 -7.93 39.74 -27.55
C GLY B 105 -6.70 39.79 -26.66
N VAL B 106 -6.93 39.64 -25.37
CA VAL B 106 -5.83 39.52 -24.42
C VAL B 106 -5.89 38.16 -23.74
N ASP B 107 -4.75 37.47 -23.73
CA ASP B 107 -4.63 36.15 -23.10
C ASP B 107 -3.82 36.19 -21.81
N VAL B 108 -2.92 37.17 -21.72
CA VAL B 108 -2.03 37.27 -20.58
C VAL B 108 -1.91 38.68 -20.03
N LEU B 109 -2.07 38.80 -18.72
CA LEU B 109 -1.88 40.05 -18.05
C LEU B 109 -0.75 39.84 -17.07
N VAL B 110 0.17 40.80 -17.01
CA VAL B 110 1.18 40.85 -15.97
C VAL B 110 1.13 42.22 -15.32
N ASN B 111 0.92 42.27 -14.01
CA ASN B 111 0.96 43.53 -13.29
C ASN B 111 2.31 43.80 -12.64
N ASN B 112 3.22 44.39 -13.41
CA ASN B 112 4.53 44.75 -12.88
C ASN B 112 4.57 46.17 -12.35
N ALA B 113 3.75 47.05 -12.92
CA ALA B 113 3.76 48.46 -12.51
C ALA B 113 3.66 48.56 -11.00
N GLY B 114 4.49 49.42 -10.41
CA GLY B 114 4.48 49.59 -8.97
C GLY B 114 5.53 50.58 -8.51
N ILE B 115 5.50 50.93 -7.23
CA ILE B 115 6.37 51.95 -6.68
C ILE B 115 6.78 51.57 -5.27
N PRO B 117 8.81 53.70 -2.63
CA PRO B 117 9.38 54.63 -1.66
C PRO B 117 9.41 53.96 -0.30
N LEU B 118 10.46 54.17 0.47
CA LEU B 118 10.59 53.52 1.77
C LEU B 118 10.44 54.48 2.95
N THR B 119 9.40 54.27 3.74
CA THR B 119 9.17 55.09 4.91
C THR B 119 8.65 54.21 6.02
N THR B 120 9.13 54.43 7.24
CA THR B 120 8.46 53.82 8.37
C THR B 120 7.03 54.38 8.46
N ILE B 121 6.18 53.69 9.20
CA ILE B 121 4.80 54.12 9.36
C ILE B 121 4.75 55.48 10.06
N ALA B 122 5.57 55.59 11.11
CA ALA B 122 5.69 56.82 11.87
C ALA B 122 6.03 58.01 11.00
N GLU B 123 6.66 57.77 9.85
CA GLU B 123 7.11 58.90 9.03
C GLU B 123 6.53 58.95 7.63
N THR B 124 5.47 58.19 7.40
CA THR B 124 4.81 58.20 6.11
C THR B 124 3.82 59.37 6.01
N GLY B 125 3.88 60.08 4.89
CA GLY B 125 3.03 61.22 4.66
C GLY B 125 1.90 60.84 3.73
N ASP B 126 0.70 61.37 4.00
CA ASP B 126 -0.49 61.08 3.23
C ASP B 126 -0.28 60.91 1.72
N ALA B 127 0.59 61.72 1.14
CA ALA B 127 0.84 61.65 -0.31
C ALA B 127 1.62 60.39 -0.64
N VAL B 128 2.63 60.08 0.16
CA VAL B 128 3.39 58.85 0.02
C VAL B 128 2.41 57.68 0.15
N PHE B 129 1.85 57.53 1.34
CA PHE B 129 0.88 56.48 1.59
C PHE B 129 -0.11 56.30 0.44
N ASP B 130 -0.75 57.39 0.04
CA ASP B 130 -1.81 57.35 -0.96
C ASP B 130 -1.27 56.95 -2.31
N ARG B 131 -0.08 57.45 -2.64
CA ARG B 131 0.54 57.16 -3.91
C ARG B 131 0.82 55.66 -4.05
N VAL B 132 1.39 55.08 -3.01
CA VAL B 132 1.75 53.65 -3.06
C VAL B 132 0.50 52.76 -3.21
N ILE B 133 -0.55 53.10 -2.48
CA ILE B 133 -1.81 52.37 -2.60
C ILE B 133 -2.40 52.51 -4.00
N ALA B 134 -2.34 53.71 -4.54
CA ALA B 134 -2.90 53.97 -5.84
C ALA B 134 -2.16 53.19 -6.94
N VAL B 135 -0.83 53.22 -6.92
CA VAL B 135 -0.09 52.51 -7.96
C VAL B 135 -0.11 50.99 -7.77
N ASN B 136 0.23 50.53 -6.57
CA ASN B 136 0.38 49.10 -6.34
C ASN B 136 -0.98 48.38 -6.24
N LEU B 137 -1.75 48.77 -5.24
CA LEU B 137 -3.05 48.14 -4.97
C LEU B 137 -4.12 48.47 -6.00
N LYS B 138 -4.54 49.73 -6.03
CA LYS B 138 -5.58 50.17 -6.96
C LYS B 138 -5.18 49.91 -8.41
N GLY B 139 -3.91 50.19 -8.69
CA GLY B 139 -3.37 50.00 -10.02
C GLY B 139 -3.61 48.60 -10.52
N THR B 140 -3.25 47.63 -9.69
CA THR B 140 -3.42 46.23 -10.05
C THR B 140 -4.89 45.83 -10.01
N PHE B 141 -5.63 46.33 -9.04
CA PHE B 141 -7.07 46.08 -8.98
C PHE B 141 -7.76 46.40 -10.28
N ASN B 142 -7.55 47.63 -10.76
CA ASN B 142 -8.17 48.07 -12.00
C ASN B 142 -7.97 47.07 -13.12
N THR B 143 -6.75 46.57 -13.27
CA THR B 143 -6.45 45.72 -14.41
C THR B 143 -7.04 44.33 -14.23
N LEU B 144 -7.20 43.93 -12.97
CA LEU B 144 -7.79 42.63 -12.67
C LEU B 144 -9.28 42.67 -12.94
N ARG B 145 -9.93 43.75 -12.52
CA ARG B 145 -11.33 43.98 -12.85
C ARG B 145 -11.56 43.87 -14.36
N GLU B 146 -10.70 44.51 -15.15
CA GLU B 146 -10.82 44.46 -16.61
C GLU B 146 -10.54 43.07 -17.14
N ALA B 147 -9.42 42.49 -16.72
CA ALA B 147 -9.11 41.11 -17.07
C ALA B 147 -10.23 40.14 -16.73
N ALA B 148 -10.86 40.35 -15.58
CA ALA B 148 -12.00 39.54 -15.16
C ALA B 148 -13.09 39.54 -16.22
N GLN B 149 -13.41 40.71 -16.76
CA GLN B 149 -14.48 40.83 -17.74
C GLN B 149 -14.03 40.58 -19.17
N ARG B 150 -12.72 40.42 -19.38
CA ARG B 150 -12.17 40.59 -20.72
C ARG B 150 -11.22 39.50 -21.17
N LEU B 151 -10.31 39.11 -20.29
CA LEU B 151 -9.30 38.12 -20.64
C LEU B 151 -9.94 36.93 -21.34
N ARG B 152 -9.27 36.42 -22.35
CA ARG B 152 -9.75 35.25 -23.08
C ARG B 152 -9.50 33.97 -22.28
N VAL B 153 -10.22 32.92 -22.63
CA VAL B 153 -10.14 31.66 -21.90
C VAL B 153 -8.82 30.97 -22.16
N GLY B 154 -8.31 30.27 -21.13
CA GLY B 154 -6.98 29.70 -21.17
C GLY B 154 -6.01 30.80 -20.82
N GLY B 155 -6.53 31.82 -20.15
CA GLY B 155 -5.74 32.97 -19.82
C GLY B 155 -4.87 32.75 -18.60
N ARG B 156 -3.83 33.56 -18.48
CA ARG B 156 -2.94 33.53 -17.34
C ARG B 156 -2.82 34.94 -16.84
N ILE B 157 -2.95 35.13 -15.53
CA ILE B 157 -2.72 36.45 -14.92
C ILE B 157 -1.60 36.27 -13.91
N ILE B 158 -0.60 37.15 -13.97
CA ILE B 158 0.51 37.12 -13.02
C ILE B 158 0.74 38.47 -12.38
N ASN B 159 0.38 38.57 -11.11
CA ASN B 159 0.63 39.78 -10.35
C ASN B 159 2.02 39.76 -9.76
N SER B 161 4.38 40.66 -6.78
CA SER B 161 4.34 41.01 -5.36
C SER B 161 5.75 41.28 -4.85
N THR B 162 6.01 40.92 -3.59
CA THR B 162 7.34 41.15 -3.03
C THR B 162 7.57 40.22 -1.88
N SER B 163 8.80 39.73 -1.77
CA SER B 163 9.19 38.87 -0.65
C SER B 163 9.03 39.59 0.68
N GLN B 164 8.99 40.91 0.65
CA GLN B 164 8.76 41.69 1.86
C GLN B 164 7.40 41.39 2.49
N VAL B 165 6.43 40.92 1.69
CA VAL B 165 5.19 40.42 2.27
C VAL B 165 5.51 39.37 3.35
N GLY B 166 6.65 38.70 3.22
CA GLY B 166 7.08 37.78 4.25
C GLY B 166 8.18 38.34 5.14
N LEU B 167 9.18 38.93 4.51
CA LEU B 167 10.30 39.53 5.23
C LEU B 167 9.80 40.57 6.23
N LEU B 168 8.93 41.47 5.77
CA LEU B 168 8.25 42.42 6.63
C LEU B 168 9.23 43.30 7.40
N HIS B 169 10.18 43.88 6.66
CA HIS B 169 11.20 44.76 7.24
C HIS B 169 10.75 46.19 7.54
N PRO B 170 11.32 46.79 8.59
CA PRO B 170 11.16 48.24 8.83
C PRO B 170 11.24 49.09 7.55
N SER B 171 10.28 50.02 7.42
CA SER B 171 10.17 50.93 6.28
C SER B 171 9.54 50.30 5.03
N TYR B 172 9.07 49.06 5.16
CA TYR B 172 8.39 48.39 4.05
C TYR B 172 6.91 48.19 4.34
N GLY B 173 6.47 48.66 5.50
CA GLY B 173 5.10 48.50 5.94
C GLY B 173 4.03 48.84 4.91
N ILE B 174 4.19 50.01 4.30
CA ILE B 174 3.25 50.47 3.28
C ILE B 174 3.30 49.67 2.00
N TYR B 175 4.52 49.43 1.51
CA TYR B 175 4.77 48.64 0.30
C TYR B 175 4.29 47.19 0.48
N ALA B 176 4.60 46.61 1.63
CA ALA B 176 4.16 45.25 1.95
C ALA B 176 2.63 45.22 2.16
N ALA B 177 2.12 46.23 2.84
CA ALA B 177 0.68 46.31 3.06
C ALA B 177 -0.06 46.32 1.72
N ALA B 178 0.52 46.96 0.72
CA ALA B 178 -0.10 47.02 -0.61
C ALA B 178 0.17 45.78 -1.44
N LYS B 179 1.33 45.16 -1.23
CA LYS B 179 1.61 43.94 -1.96
C LYS B 179 0.83 42.77 -1.39
N ALA B 180 0.69 42.73 -0.06
CA ALA B 180 -0.17 41.74 0.61
C ALA B 180 -1.61 41.80 0.09
N GLY B 181 -2.04 42.99 -0.29
CA GLY B 181 -3.39 43.18 -0.81
C GLY B 181 -3.51 42.58 -2.18
N VAL B 182 -2.49 42.82 -3.00
CA VAL B 182 -2.38 42.12 -4.26
C VAL B 182 -2.47 40.56 -4.09
N GLU B 183 -1.77 40.02 -3.11
CA GLU B 183 -1.78 38.57 -2.94
C GLU B 183 -3.18 38.05 -2.58
N ALA B 184 -3.84 38.75 -1.67
CA ALA B 184 -5.22 38.40 -1.34
C ALA B 184 -6.07 38.34 -2.62
N THR B 186 -5.11 37.96 -5.56
CA THR B 186 -4.61 36.88 -6.42
C THR B 186 -5.32 35.56 -6.10
N HIS B 187 -5.50 35.28 -4.81
CA HIS B 187 -6.16 34.04 -4.41
C HIS B 187 -7.65 34.11 -4.76
N VAL B 188 -8.32 35.16 -4.31
CA VAL B 188 -9.75 35.28 -4.50
C VAL B 188 -10.10 35.24 -5.99
N LEU B 189 -9.36 36.01 -6.77
CA LEU B 189 -9.62 36.09 -8.21
C LEU B 189 -9.50 34.74 -8.90
N SER B 190 -8.52 33.91 -8.51
CA SER B 190 -8.42 32.58 -9.11
C SER B 190 -9.69 31.76 -8.89
N LYS B 191 -10.39 32.05 -7.81
CA LYS B 191 -11.63 31.36 -7.48
C LYS B 191 -12.81 31.96 -8.23
N GLU B 192 -12.85 33.28 -8.34
CA GLU B 192 -13.98 33.95 -8.98
C GLU B 192 -13.97 33.80 -10.50
N LEU B 193 -12.90 33.26 -11.04
CA LEU B 193 -12.82 33.06 -12.47
C LEU B 193 -13.07 31.60 -12.77
N ARG B 194 -13.60 30.88 -11.79
CA ARG B 194 -14.01 29.50 -12.01
C ARG B 194 -14.80 29.38 -13.33
N GLY B 195 -14.58 28.30 -14.06
CA GLY B 195 -15.28 28.10 -15.32
C GLY B 195 -14.57 28.61 -16.57
N ARG B 196 -13.75 29.65 -16.42
CA ARG B 196 -13.11 30.24 -17.59
C ARG B 196 -11.73 29.70 -17.91
N ASP B 197 -11.25 28.78 -17.09
CA ASP B 197 -9.92 28.23 -17.30
C ASP B 197 -8.84 29.31 -17.31
N ILE B 198 -8.88 30.19 -16.31
CA ILE B 198 -7.94 31.29 -16.18
C ILE B 198 -7.16 31.24 -14.86
N THR B 199 -5.84 31.04 -14.94
CA THR B 199 -5.05 31.05 -13.71
C THR B 199 -4.73 32.47 -13.26
N VAL B 200 -4.62 32.62 -11.94
CA VAL B 200 -4.19 33.87 -11.32
C VAL B 200 -3.14 33.53 -10.29
N ASN B 201 -1.90 33.94 -10.55
CA ASN B 201 -0.80 33.67 -9.65
C ASN B 201 -0.07 34.97 -9.40
N ALA B 202 0.98 34.93 -8.59
CA ALA B 202 1.78 36.11 -8.33
C ALA B 202 3.25 35.71 -8.19
N VAL B 203 4.14 36.57 -8.65
CA VAL B 203 5.55 36.35 -8.42
C VAL B 203 6.09 37.40 -7.47
N ALA B 204 6.82 36.97 -6.47
CA ALA B 204 7.29 37.88 -5.44
C ALA B 204 8.81 37.80 -5.37
N PRO B 205 9.48 38.66 -6.13
CA PRO B 205 10.94 38.73 -6.23
C PRO B 205 11.54 39.26 -4.96
N GLY B 206 12.80 38.89 -4.69
CA GLY B 206 13.59 39.57 -3.68
C GLY B 206 14.27 40.79 -4.30
N PRO B 207 15.37 41.24 -3.68
CA PRO B 207 16.17 42.32 -4.28
C PRO B 207 16.74 41.86 -5.63
N THR B 208 16.45 42.61 -6.69
CA THR B 208 16.92 42.25 -8.01
C THR B 208 17.83 43.36 -8.52
N ALA B 209 18.76 43.00 -9.39
CA ALA B 209 19.83 43.90 -9.79
C ALA B 209 19.39 45.32 -10.16
N THR B 210 18.54 45.47 -11.15
CA THR B 210 18.14 46.81 -11.57
C THR B 210 17.09 47.52 -10.69
N ASP B 211 17.21 47.43 -9.37
CA ASP B 211 16.24 47.96 -8.44
C ASP B 211 16.45 49.38 -7.93
N LEU B 212 17.34 49.50 -6.97
CA LEU B 212 17.61 50.77 -6.34
C LEU B 212 18.52 50.57 -5.16
N VAL B 221 28.63 47.12 -1.04
CA VAL B 221 27.35 47.80 -0.86
C VAL B 221 26.23 47.04 -1.56
N ARG B 222 26.41 46.82 -2.84
CA ARG B 222 25.58 45.90 -3.56
C ARG B 222 26.12 44.52 -3.27
N ASP B 223 27.42 44.37 -3.42
CA ASP B 223 28.12 43.22 -2.93
C ASP B 223 27.42 42.65 -1.72
N ARG B 224 26.99 43.50 -0.78
CA ARG B 224 26.34 43.03 0.44
C ARG B 224 25.02 42.36 0.13
N PHE B 225 24.41 42.72 -0.99
CA PHE B 225 23.14 42.15 -1.33
C PHE B 225 23.34 40.90 -2.14
N ALA B 226 24.49 40.78 -2.76
CA ALA B 226 24.76 39.57 -3.54
C ALA B 226 24.84 38.34 -2.65
N LYS B 227 25.16 38.55 -1.36
CA LYS B 227 25.42 37.46 -0.43
C LYS B 227 24.23 37.13 0.47
N LEU B 228 23.13 37.85 0.30
CA LEU B 228 21.94 37.66 1.14
C LEU B 228 21.31 36.28 0.90
N ALA B 229 21.13 35.95 -0.37
CA ALA B 229 20.62 34.64 -0.75
C ALA B 229 21.66 33.55 -0.44
N PRO B 230 21.19 32.36 -0.06
CA PRO B 230 22.06 31.18 0.10
C PRO B 230 22.81 30.85 -1.19
N LEU B 231 22.27 31.23 -2.34
CA LEU B 231 22.97 31.08 -3.61
C LEU B 231 24.12 32.09 -3.76
N GLU B 232 24.12 33.11 -2.93
CA GLU B 232 25.22 34.09 -2.91
C GLU B 232 25.49 34.79 -4.26
N ARG B 233 24.43 35.29 -4.87
CA ARG B 233 24.54 36.18 -6.01
C ARG B 233 23.30 36.98 -6.01
N LEU B 234 23.31 38.07 -6.76
CA LEU B 234 22.16 38.94 -6.91
C LEU B 234 21.29 38.36 -8.00
N GLY B 235 19.97 38.35 -7.77
CA GLY B 235 19.04 37.92 -8.79
C GLY B 235 18.96 38.92 -9.92
N THR B 236 18.64 38.44 -11.12
CA THR B 236 18.56 39.30 -12.28
C THR B 236 17.09 39.44 -12.69
N PRO B 237 16.76 40.52 -13.42
CA PRO B 237 15.42 40.60 -13.99
C PRO B 237 15.08 39.35 -14.81
N GLN B 238 16.07 38.76 -15.48
CA GLN B 238 15.86 37.52 -16.23
C GLN B 238 15.44 36.36 -15.30
N ASP B 239 15.98 36.37 -14.08
CA ASP B 239 15.55 35.40 -13.07
C ASP B 239 14.05 35.50 -12.86
N ILE B 240 13.53 36.71 -12.86
CA ILE B 240 12.16 36.93 -12.50
C ILE B 240 11.32 36.64 -13.73
N ALA B 241 11.88 37.00 -14.88
CA ALA B 241 11.20 36.79 -16.15
C ALA B 241 11.02 35.31 -16.42
N GLY B 242 11.94 34.48 -15.97
CA GLY B 242 11.77 33.04 -16.11
C GLY B 242 10.63 32.48 -15.27
N ALA B 243 10.47 33.03 -14.06
CA ALA B 243 9.38 32.62 -13.18
C ALA B 243 8.04 32.92 -13.85
N VAL B 244 7.92 34.16 -14.32
CA VAL B 244 6.72 34.61 -14.99
C VAL B 244 6.45 33.82 -16.26
N ALA B 245 7.50 33.55 -17.02
CA ALA B 245 7.38 32.82 -18.26
C ALA B 245 6.90 31.41 -17.97
N PHE B 246 7.21 30.92 -16.77
CA PHE B 246 6.77 29.60 -16.34
C PHE B 246 5.26 29.58 -16.08
N LEU B 247 4.78 30.57 -15.34
CA LEU B 247 3.35 30.65 -15.04
C LEU B 247 2.54 30.90 -16.32
N ALA B 248 3.15 31.59 -17.28
CA ALA B 248 2.44 31.92 -18.50
C ALA B 248 2.46 30.79 -19.52
N GLY B 249 3.28 29.77 -19.29
CA GLY B 249 3.50 28.75 -20.29
C GLY B 249 2.75 27.45 -20.06
N PRO B 250 3.13 26.40 -20.80
CA PRO B 250 2.50 25.06 -20.74
C PRO B 250 2.77 24.36 -19.41
N ASP B 251 3.94 24.61 -18.83
CA ASP B 251 4.34 23.92 -17.59
C ASP B 251 3.78 24.56 -16.33
N GLY B 252 3.00 25.62 -16.47
CA GLY B 252 2.40 26.23 -15.30
C GLY B 252 0.89 26.34 -15.41
N ALA B 253 0.29 25.49 -16.24
CA ALA B 253 -1.14 25.59 -16.50
C ALA B 253 -1.95 25.09 -15.32
N TRP B 254 -1.31 24.34 -14.45
CA TRP B 254 -2.00 23.71 -13.32
C TRP B 254 -1.79 24.51 -12.04
N VAL B 255 -0.87 25.46 -12.07
CA VAL B 255 -0.63 26.34 -10.94
C VAL B 255 -1.57 27.55 -10.97
N ASN B 256 -2.39 27.74 -9.93
CA ASN B 256 -3.07 29.02 -9.72
C ASN B 256 -3.46 29.29 -8.27
N GLY B 257 -3.71 30.55 -7.97
CA GLY B 257 -3.93 30.98 -6.60
C GLY B 257 -2.64 30.89 -5.77
N GLN B 258 -1.52 30.72 -6.45
CA GLN B 258 -0.22 30.62 -5.77
C GLN B 258 0.56 31.94 -5.80
N VAL B 259 1.34 32.18 -4.75
CA VAL B 259 2.34 33.23 -4.76
C VAL B 259 3.71 32.56 -4.83
N LEU B 260 4.39 32.74 -5.95
CA LEU B 260 5.67 32.08 -6.21
C LEU B 260 6.85 32.98 -5.87
N ARG B 261 7.58 32.63 -4.83
CA ARG B 261 8.69 33.50 -4.41
C ARG B 261 9.97 33.20 -5.18
N ALA B 262 10.55 34.24 -5.79
CA ALA B 262 11.77 34.04 -6.55
C ALA B 262 12.83 34.99 -6.02
N ASN B 263 13.69 34.46 -5.18
CA ASN B 263 14.57 35.29 -4.39
C ASN B 263 15.85 34.57 -3.95
N GLY B 264 16.19 33.47 -4.63
CA GLY B 264 17.40 32.74 -4.35
C GLY B 264 17.51 32.25 -2.94
N GLY B 265 16.37 32.10 -2.27
CA GLY B 265 16.32 31.48 -0.96
C GLY B 265 16.32 32.40 0.26
N ILE B 266 15.96 33.66 0.11
CA ILE B 266 15.98 34.55 1.25
C ILE B 266 14.80 34.36 2.23
N ILE B 267 13.65 33.95 1.74
CA ILE B 267 12.53 33.59 2.63
C ILE B 267 11.50 32.63 2.03
N VAL C 29 2.32 -38.41 27.38
CA VAL C 29 2.89 -39.64 26.84
C VAL C 29 2.15 -40.11 25.59
N ALA C 30 2.91 -40.56 24.60
CA ALA C 30 2.33 -40.95 23.32
C ALA C 30 2.95 -42.22 22.75
N ILE C 31 2.08 -43.15 22.36
CA ILE C 31 2.51 -44.34 21.65
C ILE C 31 2.46 -44.05 20.17
N VAL C 32 3.42 -44.56 19.43
CA VAL C 32 3.47 -44.32 18.00
C VAL C 32 3.86 -45.59 17.28
N THR C 33 2.86 -46.33 16.80
CA THR C 33 3.16 -47.51 16.01
C THR C 33 3.88 -47.12 14.72
N GLY C 34 4.26 -48.11 13.92
CA GLY C 34 4.90 -47.87 12.63
C GLY C 34 6.08 -46.93 12.69
N GLY C 38 10.45 -43.70 8.03
CA GLY C 38 10.33 -42.35 7.51
C GLY C 38 9.24 -41.53 8.20
N ILE C 39 8.02 -41.57 7.64
CA ILE C 39 6.90 -40.86 8.24
C ILE C 39 6.75 -41.17 9.72
N GLY C 40 6.76 -42.46 10.07
CA GLY C 40 6.67 -42.86 11.47
C GLY C 40 7.79 -42.32 12.34
N ALA C 41 8.99 -42.27 11.79
CA ALA C 41 10.12 -41.70 12.49
C ALA C 41 9.88 -40.21 12.75
N ALA C 42 9.63 -39.48 11.67
CA ALA C 42 9.33 -38.06 11.75
C ALA C 42 8.33 -37.78 12.85
N ILE C 43 7.25 -38.54 12.87
CA ILE C 43 6.18 -38.35 13.85
C ILE C 43 6.67 -38.47 15.28
N ALA C 44 7.34 -39.59 15.56
CA ALA C 44 7.89 -39.83 16.89
C ALA C 44 8.77 -38.67 17.33
N ALA C 45 9.73 -38.34 16.47
CA ALA C 45 10.62 -37.20 16.68
C ALA C 45 9.86 -35.91 17.01
N ARG C 46 8.88 -35.54 16.16
CA ARG C 46 8.18 -34.27 16.33
C ARG C 46 7.47 -34.22 17.67
N LEU C 47 6.71 -35.27 17.97
CA LEU C 47 6.05 -35.38 19.26
C LEU C 47 7.09 -35.29 20.39
N ALA C 48 8.26 -35.86 20.14
CA ALA C 48 9.35 -35.78 21.11
C ALA C 48 9.71 -34.32 21.30
N SER C 49 10.04 -33.65 20.19
CA SER C 49 10.34 -32.23 20.22
C SER C 49 9.24 -31.45 20.93
N ASP C 50 8.00 -31.81 20.64
CA ASP C 50 6.86 -31.11 21.23
C ASP C 50 6.82 -31.30 22.75
N GLY C 51 7.28 -32.45 23.21
CA GLY C 51 7.34 -32.74 24.64
C GLY C 51 6.77 -34.09 25.04
N PHE C 52 6.58 -34.96 24.06
CA PHE C 52 5.97 -36.25 24.30
C PHE C 52 7.03 -37.32 24.52
N THR C 53 6.93 -38.01 25.66
CA THR C 53 7.66 -39.26 25.81
C THR C 53 7.05 -40.20 24.78
N VAL C 54 7.83 -40.56 23.78
CA VAL C 54 7.31 -41.36 22.67
C VAL C 54 7.69 -42.83 22.77
N VAL C 55 6.70 -43.68 23.03
CA VAL C 55 6.92 -45.11 23.02
C VAL C 55 6.95 -45.61 21.57
N ILE C 56 8.10 -45.44 20.92
CA ILE C 56 8.28 -45.94 19.55
C ILE C 56 7.83 -47.39 19.48
N ASN C 57 7.40 -47.84 18.31
CA ASN C 57 6.95 -49.22 18.14
C ASN C 57 7.30 -49.84 16.79
N TYR C 58 8.03 -50.95 16.82
CA TYR C 58 8.41 -51.67 15.62
C TYR C 58 7.85 -53.09 15.67
N ALA C 59 8.05 -53.84 14.59
CA ALA C 59 7.65 -55.24 14.56
C ALA C 59 8.81 -56.12 14.09
N ALA C 64 16.94 -49.37 14.01
CA ALA C 64 16.19 -48.22 13.55
C ALA C 64 15.40 -47.58 14.69
N ALA C 65 14.58 -48.39 15.36
CA ALA C 65 13.81 -47.91 16.50
C ALA C 65 14.72 -47.28 17.55
N GLU C 66 15.76 -48.01 17.96
CA GLU C 66 16.77 -47.44 18.84
C GLU C 66 17.24 -46.11 18.25
N GLU C 67 17.77 -46.18 17.03
CA GLU C 67 18.25 -44.99 16.32
C GLU C 67 17.37 -43.77 16.60
N VAL C 68 16.09 -43.89 16.22
CA VAL C 68 15.09 -42.84 16.46
C VAL C 68 15.02 -42.42 17.92
N ALA C 69 15.12 -43.41 18.82
CA ALA C 69 15.07 -43.14 20.26
C ALA C 69 16.32 -42.40 20.72
N GLY C 70 17.45 -42.80 20.17
CA GLY C 70 18.72 -42.16 20.48
C GLY C 70 18.70 -40.68 20.13
N LYS C 71 18.32 -40.38 18.89
CA LYS C 71 18.21 -39.00 18.43
C LYS C 71 17.25 -38.20 19.31
N ILE C 72 16.14 -38.84 19.65
CA ILE C 72 15.13 -38.20 20.48
C ILE C 72 15.67 -37.84 21.84
N GLU C 73 16.57 -38.67 22.37
CA GLU C 73 17.20 -38.39 23.65
C GLU C 73 18.37 -37.42 23.48
N ALA C 74 19.21 -37.71 22.48
CA ALA C 74 20.27 -36.79 22.11
C ALA C 74 19.71 -35.38 22.01
N ALA C 75 18.47 -35.29 21.52
CA ALA C 75 17.84 -34.00 21.25
C ALA C 75 17.10 -33.43 22.46
N GLY C 76 17.34 -34.00 23.63
CA GLY C 76 16.74 -33.50 24.84
C GLY C 76 15.35 -34.05 25.09
N GLY C 77 15.03 -35.14 24.40
CA GLY C 77 13.74 -35.78 24.53
C GLY C 77 13.86 -37.11 25.25
N LYS C 78 12.71 -37.72 25.55
CA LYS C 78 12.69 -38.96 26.31
C LYS C 78 12.03 -40.09 25.51
N ALA C 82 9.88 -50.49 21.84
CA ALA C 82 8.93 -51.53 22.22
C ALA C 82 8.36 -52.23 20.99
N GLN C 83 8.82 -53.45 20.75
CA GLN C 83 8.35 -54.23 19.61
C GLN C 83 6.99 -54.86 19.89
N ALA C 84 6.18 -54.96 18.85
CA ALA C 84 4.87 -55.59 18.90
C ALA C 84 4.27 -55.63 17.50
N ASP C 85 3.72 -56.77 17.10
CA ASP C 85 2.99 -56.80 15.85
C ASP C 85 1.54 -56.43 16.10
N VAL C 86 1.17 -55.24 15.62
CA VAL C 86 -0.14 -54.66 15.87
C VAL C 86 -1.29 -55.58 15.48
N SER C 87 -1.07 -56.43 14.48
CA SER C 87 -2.02 -57.46 14.14
C SER C 87 -2.05 -58.54 15.23
N ALA C 90 -3.28 -59.41 21.23
CA ALA C 90 -2.50 -59.86 22.39
C ALA C 90 -1.32 -58.94 22.63
N ALA C 91 -0.32 -59.02 21.74
CA ALA C 91 0.83 -58.14 21.79
C ALA C 91 0.41 -56.69 22.09
N VAL C 92 -0.65 -56.26 21.42
CA VAL C 92 -1.18 -54.91 21.59
C VAL C 92 -1.45 -54.58 23.07
N ARG C 93 -1.88 -55.58 23.85
CA ARG C 93 -2.12 -55.37 25.27
C ARG C 93 -0.82 -55.15 26.04
N ARG C 94 0.16 -56.02 25.78
CA ARG C 94 1.45 -55.88 26.45
C ARG C 94 2.00 -54.49 26.17
N LEU C 95 1.91 -54.10 24.89
CA LEU C 95 2.39 -52.79 24.46
C LEU C 95 1.83 -51.65 25.29
N PHE C 96 0.53 -51.71 25.59
CA PHE C 96 -0.09 -50.67 26.41
C PHE C 96 0.31 -50.77 27.87
N ALA C 97 0.28 -51.98 28.42
CA ALA C 97 0.76 -52.21 29.78
C ALA C 97 2.23 -51.76 29.89
N THR C 98 3.02 -52.12 28.90
CA THR C 98 4.42 -51.72 28.84
C THR C 98 4.60 -50.26 29.27
N ALA C 99 3.76 -49.38 28.71
CA ALA C 99 3.92 -47.96 28.90
C ALA C 99 3.23 -47.43 30.15
N GLU C 100 2.07 -47.98 30.47
CA GLU C 100 1.38 -47.63 31.71
C GLU C 100 2.27 -48.03 32.87
N GLU C 101 3.09 -49.05 32.63
CA GLU C 101 4.17 -49.44 33.52
C GLU C 101 5.14 -48.28 33.68
N ALA C 102 5.88 -47.98 32.60
CA ALA C 102 6.98 -47.02 32.63
C ALA C 102 6.58 -45.61 33.02
N PHE C 103 5.49 -45.12 32.43
CA PHE C 103 5.17 -43.71 32.55
C PHE C 103 3.82 -43.48 33.23
N GLY C 104 3.04 -44.55 33.37
CA GLY C 104 1.81 -44.50 34.15
C GLY C 104 0.57 -44.13 33.37
N GLY C 105 0.42 -44.66 32.15
CA GLY C 105 -0.74 -44.40 31.32
C GLY C 105 -0.39 -43.85 29.94
N VAL C 106 -1.37 -43.81 29.04
CA VAL C 106 -1.14 -43.26 27.71
C VAL C 106 -2.13 -42.13 27.37
N ASP C 107 -1.60 -41.07 26.75
CA ASP C 107 -2.37 -39.87 26.42
C ASP C 107 -2.59 -39.70 24.93
N VAL C 108 -1.73 -40.33 24.12
CA VAL C 108 -1.82 -40.22 22.67
C VAL C 108 -1.37 -41.49 21.97
N LEU C 109 -2.03 -41.80 20.86
CA LEU C 109 -1.66 -42.92 19.98
C LEU C 109 -1.68 -42.51 18.51
N VAL C 110 -0.72 -43.00 17.73
CA VAL C 110 -0.64 -42.66 16.32
C VAL C 110 -0.45 -43.92 15.47
N ASN C 111 -1.53 -44.42 14.89
CA ASN C 111 -1.45 -45.67 14.13
C ASN C 111 -0.81 -45.54 12.75
N ASN C 112 0.51 -45.32 12.72
CA ASN C 112 1.23 -45.25 11.44
C ASN C 112 1.48 -46.63 10.86
N ALA C 113 1.57 -47.62 11.73
CA ALA C 113 1.87 -48.99 11.31
C ALA C 113 0.95 -49.44 10.19
N GLY C 114 1.55 -49.71 9.03
CA GLY C 114 0.80 -50.22 7.91
C GLY C 114 1.71 -50.74 6.83
N ILE C 115 1.17 -51.54 5.92
CA ILE C 115 1.93 -52.02 4.77
C ILE C 115 1.15 -51.75 3.49
N PRO C 117 1.46 -53.21 -0.27
CA PRO C 117 1.70 -53.83 -1.57
C PRO C 117 0.70 -53.28 -2.59
N LEU C 118 0.99 -53.42 -3.87
CA LEU C 118 0.12 -52.84 -4.88
C LEU C 118 -0.34 -53.81 -5.95
N THR C 119 -1.42 -54.53 -5.66
CA THR C 119 -2.03 -55.44 -6.63
C THR C 119 -3.41 -55.01 -7.13
N THR C 120 -3.63 -55.12 -8.44
CA THR C 120 -4.99 -55.07 -8.98
C THR C 120 -5.84 -56.09 -8.25
N ILE C 121 -7.14 -56.04 -8.48
CA ILE C 121 -8.07 -56.93 -7.81
C ILE C 121 -7.97 -58.34 -8.39
N ALA C 122 -7.91 -58.43 -9.71
CA ALA C 122 -7.86 -59.72 -10.40
C ALA C 122 -6.63 -60.54 -10.00
N GLU C 123 -5.54 -59.86 -9.66
CA GLU C 123 -4.27 -60.52 -9.39
C GLU C 123 -3.84 -60.39 -7.94
N THR C 124 -4.76 -60.65 -7.02
CA THR C 124 -4.47 -60.49 -5.61
C THR C 124 -4.69 -61.78 -4.84
N GLY C 125 -3.59 -62.37 -4.35
CA GLY C 125 -3.66 -63.61 -3.61
C GLY C 125 -4.28 -63.44 -2.24
N ASP C 126 -4.87 -64.52 -1.73
CA ASP C 126 -5.51 -64.50 -0.42
C ASP C 126 -4.48 -64.07 0.62
N ALA C 127 -3.21 -64.26 0.28
CA ALA C 127 -2.09 -63.94 1.16
C ALA C 127 -1.80 -62.44 1.14
N VAL C 128 -1.54 -61.91 -0.05
CA VAL C 128 -1.49 -60.45 -0.23
C VAL C 128 -2.62 -59.81 0.56
N PHE C 129 -3.85 -60.25 0.30
CA PHE C 129 -5.04 -59.64 0.87
C PHE C 129 -5.10 -59.61 2.40
N ASP C 130 -5.33 -60.76 3.03
CA ASP C 130 -5.53 -60.83 4.48
C ASP C 130 -4.42 -60.12 5.26
N ARG C 131 -3.23 -60.07 4.67
CA ARG C 131 -2.11 -59.39 5.30
C ARG C 131 -2.37 -57.87 5.34
N VAL C 132 -2.64 -57.31 4.17
CA VAL C 132 -2.95 -55.89 4.04
C VAL C 132 -4.07 -55.53 5.01
N ILE C 133 -5.05 -56.41 5.11
CA ILE C 133 -6.15 -56.22 6.05
C ILE C 133 -5.67 -56.31 7.50
N ALA C 134 -4.93 -57.37 7.80
CA ALA C 134 -4.49 -57.63 9.17
C ALA C 134 -3.71 -56.45 9.74
N VAL C 135 -2.64 -56.09 9.04
CA VAL C 135 -1.78 -54.97 9.43
C VAL C 135 -2.57 -53.67 9.59
N ASN C 136 -3.13 -53.21 8.46
CA ASN C 136 -3.75 -51.89 8.35
C ASN C 136 -5.06 -51.81 9.11
N LEU C 137 -5.94 -52.77 8.83
CA LEU C 137 -7.29 -52.77 9.34
C LEU C 137 -7.38 -53.29 10.77
N LYS C 138 -6.99 -54.55 10.97
CA LYS C 138 -7.03 -55.17 12.29
C LYS C 138 -6.06 -54.48 13.26
N GLY C 139 -4.85 -54.21 12.80
CA GLY C 139 -3.85 -53.53 13.62
C GLY C 139 -4.41 -52.29 14.27
N THR C 140 -4.91 -51.38 13.43
CA THR C 140 -5.54 -50.16 13.88
C THR C 140 -6.67 -50.48 14.85
N PHE C 141 -7.60 -51.31 14.36
CA PHE C 141 -8.71 -51.77 15.18
C PHE C 141 -8.22 -52.25 16.55
N ASN C 142 -7.14 -53.04 16.53
CA ASN C 142 -6.59 -53.62 17.75
C ASN C 142 -6.15 -52.55 18.73
N THR C 143 -5.37 -51.60 18.23
CA THR C 143 -4.83 -50.53 19.07
C THR C 143 -5.96 -49.60 19.48
N LEU C 144 -6.94 -49.44 18.60
CA LEU C 144 -8.10 -48.61 18.89
C LEU C 144 -8.92 -49.26 19.99
N ARG C 145 -9.03 -50.58 19.91
CA ARG C 145 -9.70 -51.37 20.94
C ARG C 145 -9.07 -51.11 22.30
N GLU C 146 -7.74 -51.18 22.36
CA GLU C 146 -7.02 -50.90 23.59
C GLU C 146 -7.15 -49.44 23.99
N ALA C 147 -6.82 -48.54 23.06
CA ALA C 147 -6.90 -47.12 23.31
C ALA C 147 -8.29 -46.77 23.82
N ALA C 148 -9.29 -47.45 23.27
CA ALA C 148 -10.67 -47.27 23.69
C ALA C 148 -10.79 -47.41 25.21
N GLN C 149 -10.06 -48.36 25.77
CA GLN C 149 -10.19 -48.67 27.18
C GLN C 149 -9.21 -47.89 28.07
N ARG C 150 -7.97 -47.80 27.61
CA ARG C 150 -6.88 -47.24 28.42
C ARG C 150 -6.82 -45.71 28.47
N LEU C 151 -6.64 -45.08 27.29
CA LEU C 151 -6.33 -43.65 27.16
C LEU C 151 -6.87 -42.71 28.24
N ARG C 152 -5.99 -41.83 28.72
CA ARG C 152 -6.39 -40.79 29.65
C ARG C 152 -7.33 -39.81 28.97
N VAL C 153 -8.15 -39.16 29.77
CA VAL C 153 -8.95 -38.06 29.30
C VAL C 153 -8.02 -37.03 28.67
N GLY C 154 -8.60 -36.12 27.89
CA GLY C 154 -7.82 -35.09 27.22
C GLY C 154 -6.99 -35.66 26.10
N GLY C 155 -7.30 -36.88 25.69
CA GLY C 155 -6.44 -37.61 24.77
C GLY C 155 -6.61 -37.28 23.30
N ARG C 156 -5.76 -37.89 22.49
CA ARG C 156 -5.77 -37.69 21.04
C ARG C 156 -5.42 -38.99 20.36
N ILE C 157 -6.15 -39.33 19.30
CA ILE C 157 -5.85 -40.51 18.52
C ILE C 157 -5.79 -40.11 17.06
N ILE C 158 -4.81 -40.62 16.33
CA ILE C 158 -4.57 -40.14 14.98
C ILE C 158 -4.13 -41.27 14.04
N ASN C 159 -5.07 -41.77 13.26
CA ASN C 159 -4.83 -42.91 12.39
C ASN C 159 -4.22 -42.46 11.09
N SER C 161 -4.19 -42.81 7.13
CA SER C 161 -4.83 -43.26 5.91
C SER C 161 -3.98 -42.91 4.68
N THR C 162 -4.63 -42.42 3.63
CA THR C 162 -3.95 -42.25 2.36
C THR C 162 -4.90 -41.57 1.40
N SER C 163 -4.41 -40.55 0.70
CA SER C 163 -5.24 -39.80 -0.25
C SER C 163 -5.62 -40.69 -1.43
N GLN C 164 -5.14 -41.93 -1.40
CA GLN C 164 -5.53 -42.89 -2.42
C GLN C 164 -6.95 -43.38 -2.19
N VAL C 165 -7.41 -43.31 -0.95
CA VAL C 165 -8.82 -43.55 -0.64
C VAL C 165 -9.71 -42.64 -1.48
N GLY C 166 -9.21 -41.45 -1.78
CA GLY C 166 -9.96 -40.50 -2.56
C GLY C 166 -9.65 -40.70 -4.02
N LEU C 167 -8.38 -41.00 -4.32
CA LEU C 167 -7.92 -41.06 -5.71
C LEU C 167 -8.21 -42.40 -6.35
N LEU C 168 -8.39 -43.42 -5.52
CA LEU C 168 -8.79 -44.74 -5.96
C LEU C 168 -8.23 -45.11 -7.32
N HIS C 169 -6.92 -45.01 -7.48
CA HIS C 169 -6.27 -45.45 -8.70
C HIS C 169 -6.17 -46.99 -8.75
N PRO C 170 -6.05 -47.54 -9.97
CA PRO C 170 -5.80 -48.96 -10.18
C PRO C 170 -4.78 -49.53 -9.20
N SER C 171 -5.04 -50.74 -8.70
CA SER C 171 -4.13 -51.47 -7.82
C SER C 171 -4.01 -50.92 -6.40
N TYR C 172 -4.57 -49.74 -6.16
CA TYR C 172 -4.62 -49.25 -4.78
C TYR C 172 -5.91 -49.73 -4.10
N GLY C 173 -6.70 -50.50 -4.86
CA GLY C 173 -7.94 -51.08 -4.38
C GLY C 173 -7.85 -51.62 -2.97
N ILE C 174 -7.04 -52.67 -2.79
CA ILE C 174 -6.89 -53.32 -1.48
C ILE C 174 -6.35 -52.34 -0.44
N TYR C 175 -5.28 -51.65 -0.78
CA TYR C 175 -4.75 -50.64 0.13
C TYR C 175 -5.83 -49.60 0.53
N ALA C 176 -6.48 -49.03 -0.48
CA ALA C 176 -7.52 -48.03 -0.26
C ALA C 176 -8.69 -48.64 0.50
N ALA C 177 -9.04 -49.85 0.10
CA ALA C 177 -10.15 -50.53 0.73
C ALA C 177 -9.87 -50.65 2.22
N ALA C 178 -8.62 -50.96 2.56
CA ALA C 178 -8.19 -51.15 3.94
C ALA C 178 -8.22 -49.84 4.72
N LYS C 179 -7.55 -48.83 4.18
CA LYS C 179 -7.51 -47.50 4.82
C LYS C 179 -8.91 -46.88 4.93
N ALA C 180 -9.76 -47.13 3.94
CA ALA C 180 -11.16 -46.72 3.99
C ALA C 180 -11.80 -47.18 5.29
N GLY C 181 -11.64 -48.47 5.59
CA GLY C 181 -12.16 -49.03 6.82
C GLY C 181 -11.67 -48.28 8.03
N VAL C 182 -10.40 -47.89 8.02
CA VAL C 182 -9.81 -47.07 9.09
C VAL C 182 -10.49 -45.70 9.23
N GLU C 183 -10.72 -45.06 8.10
CA GLU C 183 -11.41 -43.77 8.10
C GLU C 183 -12.77 -43.88 8.79
N ALA C 184 -13.52 -44.91 8.42
CA ALA C 184 -14.87 -45.12 8.97
C ALA C 184 -14.79 -45.33 10.46
N THR C 186 -12.32 -44.30 12.44
CA THR C 186 -12.01 -42.98 12.96
C THR C 186 -13.28 -42.21 13.27
N HIS C 187 -14.20 -42.17 12.31
CA HIS C 187 -15.48 -41.46 12.51
C HIS C 187 -16.31 -42.04 13.65
N VAL C 188 -16.60 -43.34 13.54
CA VAL C 188 -17.43 -44.00 14.55
C VAL C 188 -16.76 -43.92 15.92
N LEU C 189 -15.45 -44.16 15.95
CA LEU C 189 -14.72 -44.11 17.21
C LEU C 189 -14.97 -42.81 17.97
N SER C 190 -14.91 -41.69 17.23
CA SER C 190 -14.95 -40.35 17.82
C SER C 190 -16.25 -40.08 18.57
N LYS C 191 -17.34 -40.67 18.10
CA LYS C 191 -18.62 -40.47 18.75
C LYS C 191 -18.77 -41.50 19.84
N GLU C 192 -18.21 -42.68 19.59
CA GLU C 192 -18.16 -43.74 20.59
C GLU C 192 -17.38 -43.30 21.84
N LEU C 193 -16.39 -42.40 21.68
CA LEU C 193 -15.59 -41.97 22.82
C LEU C 193 -16.17 -40.74 23.51
N ARG C 194 -17.45 -40.52 23.31
CA ARG C 194 -18.15 -39.37 23.87
C ARG C 194 -18.02 -39.31 25.40
N GLY C 195 -17.78 -38.11 25.93
CA GLY C 195 -17.73 -37.90 27.37
C GLY C 195 -16.36 -38.14 27.99
N ARG C 196 -15.45 -38.73 27.23
CA ARG C 196 -14.09 -38.96 27.72
C ARG C 196 -13.06 -37.99 27.15
N ASP C 197 -13.54 -36.85 26.64
CA ASP C 197 -12.67 -35.79 26.13
C ASP C 197 -11.49 -36.30 25.32
N ILE C 198 -11.76 -37.27 24.44
CA ILE C 198 -10.74 -37.75 23.52
C ILE C 198 -11.17 -37.41 22.10
N THR C 199 -10.20 -37.25 21.21
CA THR C 199 -10.49 -36.96 19.82
C THR C 199 -9.92 -38.06 18.96
N VAL C 200 -10.64 -38.42 17.91
CA VAL C 200 -10.14 -39.36 16.93
C VAL C 200 -10.12 -38.70 15.57
N ASN C 201 -8.95 -38.68 14.93
CA ASN C 201 -8.82 -38.06 13.62
C ASN C 201 -7.82 -38.86 12.81
N ALA C 202 -7.96 -38.83 11.50
CA ALA C 202 -6.99 -39.53 10.64
C ALA C 202 -6.19 -38.52 9.83
N VAL C 203 -5.15 -39.00 9.16
CA VAL C 203 -4.29 -38.16 8.33
C VAL C 203 -3.88 -38.95 7.10
N ALA C 204 -4.33 -38.49 5.94
CA ALA C 204 -4.03 -39.18 4.70
C ALA C 204 -3.03 -38.38 3.88
N PRO C 205 -1.73 -38.67 4.07
CA PRO C 205 -0.72 -38.02 3.24
C PRO C 205 -0.86 -38.50 1.83
N GLY C 206 -0.09 -37.90 0.92
CA GLY C 206 0.07 -38.44 -0.41
C GLY C 206 1.48 -38.98 -0.48
N PRO C 207 1.94 -39.38 -1.67
CA PRO C 207 3.34 -39.72 -1.85
C PRO C 207 4.21 -38.81 -0.99
N THR C 208 5.31 -39.34 -0.49
CA THR C 208 6.18 -38.60 0.41
C THR C 208 7.62 -39.11 0.28
N ARG C 222 10.76 -39.34 -11.81
CA ARG C 222 11.51 -38.91 -10.64
C ARG C 222 11.01 -37.55 -10.12
N ASP C 223 11.22 -36.51 -10.93
CA ASP C 223 10.82 -35.15 -10.55
C ASP C 223 9.35 -34.90 -10.86
N ARG C 224 8.80 -35.68 -11.78
CA ARG C 224 7.41 -35.54 -12.17
C ARG C 224 6.49 -35.72 -10.98
N PHE C 225 6.94 -36.51 -9.99
CA PHE C 225 6.15 -36.74 -8.80
C PHE C 225 6.22 -35.55 -7.84
N ALA C 226 7.25 -34.72 -8.01
CA ALA C 226 7.36 -33.48 -7.27
C ALA C 226 6.42 -32.45 -7.89
N LYS C 227 6.27 -32.53 -9.21
CA LYS C 227 5.45 -31.59 -9.95
C LYS C 227 3.99 -32.02 -9.98
N LEU C 228 3.68 -33.10 -9.27
CA LEU C 228 2.32 -33.61 -9.21
C LEU C 228 1.41 -32.66 -8.43
N ALA C 229 1.88 -32.21 -7.27
CA ALA C 229 1.16 -31.26 -6.46
C ALA C 229 1.21 -29.89 -7.10
N PRO C 230 0.15 -29.09 -6.97
CA PRO C 230 0.16 -27.72 -7.50
C PRO C 230 1.29 -26.91 -6.85
N LEU C 231 1.74 -27.37 -5.68
CA LEU C 231 2.87 -26.74 -5.00
C LEU C 231 4.18 -27.08 -5.71
N GLU C 232 4.14 -28.08 -6.58
CA GLU C 232 5.27 -28.42 -7.45
C GLU C 232 6.56 -28.79 -6.73
N ARG C 233 6.42 -29.32 -5.53
CA ARG C 233 7.54 -29.94 -4.84
C ARG C 233 7.09 -31.26 -4.26
N LEU C 234 7.96 -31.92 -3.52
CA LEU C 234 7.61 -33.22 -2.97
C LEU C 234 7.30 -33.15 -1.48
N GLY C 235 6.38 -34.03 -1.06
CA GLY C 235 6.03 -34.14 0.33
C GLY C 235 7.19 -34.67 1.15
N THR C 236 7.39 -34.10 2.32
CA THR C 236 8.41 -34.59 3.23
C THR C 236 7.72 -35.33 4.36
N PRO C 237 8.42 -36.29 4.98
CA PRO C 237 7.87 -36.91 6.18
C PRO C 237 7.67 -35.86 7.27
N GLN C 238 8.42 -34.78 7.20
CA GLN C 238 8.18 -33.64 8.10
C GLN C 238 6.81 -33.00 7.87
N ASP C 239 6.40 -32.89 6.61
CA ASP C 239 5.09 -32.31 6.30
C ASP C 239 3.99 -33.06 7.05
N ILE C 240 4.02 -34.38 6.97
CA ILE C 240 2.96 -35.19 7.58
C ILE C 240 3.04 -35.09 9.10
N ALA C 241 4.24 -35.15 9.64
CA ALA C 241 4.45 -35.03 11.08
C ALA C 241 3.87 -33.73 11.62
N GLY C 242 4.03 -32.66 10.85
CA GLY C 242 3.43 -31.37 11.18
C GLY C 242 1.92 -31.45 11.31
N ALA C 243 1.28 -32.10 10.35
CA ALA C 243 -0.17 -32.36 10.42
C ALA C 243 -0.52 -33.13 11.70
N VAL C 244 0.13 -34.27 11.90
CA VAL C 244 -0.11 -35.07 13.09
C VAL C 244 0.14 -34.25 14.34
N ALA C 245 1.27 -33.54 14.36
CA ALA C 245 1.62 -32.68 15.48
C ALA C 245 0.48 -31.70 15.80
N PHE C 246 -0.19 -31.21 14.77
CA PHE C 246 -1.29 -30.26 14.95
C PHE C 246 -2.47 -30.88 15.71
N LEU C 247 -2.92 -32.04 15.26
CA LEU C 247 -4.02 -32.75 15.93
C LEU C 247 -3.68 -33.06 17.40
N ALA C 248 -2.47 -33.57 17.61
CA ALA C 248 -2.01 -33.92 18.95
C ALA C 248 -1.62 -32.67 19.74
N GLY C 249 -1.59 -31.54 19.05
CA GLY C 249 -1.24 -30.28 19.68
C GLY C 249 -2.44 -29.57 20.27
N PRO C 250 -2.20 -28.39 20.84
CA PRO C 250 -3.29 -27.60 21.45
C PRO C 250 -4.16 -26.93 20.39
N ASP C 251 -3.64 -26.80 19.17
CA ASP C 251 -4.38 -26.18 18.08
C ASP C 251 -5.32 -27.18 17.42
N GLY C 252 -5.22 -28.44 17.83
CA GLY C 252 -6.06 -29.49 17.28
C GLY C 252 -7.11 -29.98 18.25
N ALA C 253 -7.27 -29.27 19.35
CA ALA C 253 -8.15 -29.72 20.44
C ALA C 253 -9.62 -29.83 20.04
N TRP C 254 -10.02 -29.06 19.03
CA TRP C 254 -11.43 -28.99 18.64
C TRP C 254 -11.71 -29.75 17.35
N VAL C 255 -10.64 -30.13 16.64
CA VAL C 255 -10.78 -30.98 15.46
C VAL C 255 -10.96 -32.43 15.90
N ASN C 256 -12.00 -33.09 15.39
CA ASN C 256 -12.46 -34.33 15.99
C ASN C 256 -13.32 -35.14 15.03
N GLY C 257 -12.82 -36.30 14.65
CA GLY C 257 -13.55 -37.18 13.74
C GLY C 257 -13.37 -36.75 12.30
N GLN C 258 -12.19 -36.28 11.96
CA GLN C 258 -11.93 -35.75 10.63
C GLN C 258 -10.80 -36.49 9.95
N VAL C 259 -10.83 -36.50 8.63
CA VAL C 259 -9.76 -37.01 7.80
C VAL C 259 -8.99 -35.85 7.18
N LEU C 260 -7.83 -35.55 7.71
CA LEU C 260 -7.00 -34.47 7.19
C LEU C 260 -6.08 -34.98 6.10
N ARG C 261 -6.37 -34.63 4.86
CA ARG C 261 -5.48 -34.97 3.75
C ARG C 261 -4.29 -34.01 3.69
N ALA C 262 -3.08 -34.59 3.65
CA ALA C 262 -1.85 -33.81 3.66
C ALA C 262 -1.04 -34.15 2.43
N ASN C 263 -1.34 -33.48 1.33
CA ASN C 263 -0.83 -33.91 0.05
C ASN C 263 -0.38 -32.77 -0.88
N GLY C 264 -0.37 -31.55 -0.37
CA GLY C 264 0.06 -30.44 -1.20
C GLY C 264 -0.85 -30.12 -2.37
N GLY C 265 -2.11 -30.54 -2.27
CA GLY C 265 -3.14 -30.16 -3.22
C GLY C 265 -3.44 -31.11 -4.38
N ILE C 266 -3.14 -32.39 -4.23
CA ILE C 266 -3.41 -33.32 -5.31
C ILE C 266 -4.87 -33.79 -5.28
N ILE C 267 -5.54 -33.55 -4.17
CA ILE C 267 -6.95 -33.87 -3.99
C ILE C 267 -7.35 -33.64 -2.53
N LYS D 28 24.34 15.27 -16.93
CA LYS D 28 23.32 15.69 -15.96
C LYS D 28 22.54 14.51 -15.41
N VAL D 29 22.75 14.20 -14.13
CA VAL D 29 22.27 12.96 -13.53
C VAL D 29 21.28 13.23 -12.40
N ALA D 30 20.17 12.49 -12.41
CA ALA D 30 19.06 12.76 -11.50
C ALA D 30 18.43 11.51 -10.90
N ILE D 31 18.19 11.54 -9.58
CA ILE D 31 17.56 10.44 -8.87
C ILE D 31 16.12 10.78 -8.51
N VAL D 32 15.20 9.90 -8.87
CA VAL D 32 13.80 10.10 -8.52
C VAL D 32 13.33 8.93 -7.70
N THR D 33 12.93 9.18 -6.46
CA THR D 33 12.43 8.09 -5.61
C THR D 33 10.95 7.86 -5.88
N GLY D 34 10.51 6.61 -5.78
CA GLY D 34 9.15 6.25 -6.11
C GLY D 34 8.79 6.55 -7.57
N ALA D 35 9.78 6.49 -8.45
CA ALA D 35 9.57 6.79 -9.87
C ALA D 35 9.02 5.63 -10.69
N SER D 36 8.30 4.72 -10.05
CA SER D 36 7.79 3.55 -10.76
C SER D 36 6.47 3.85 -11.46
N ARG D 37 5.65 4.67 -10.83
CA ARG D 37 4.25 4.80 -11.20
C ARG D 37 3.70 6.21 -10.93
N GLY D 38 2.53 6.51 -11.50
CA GLY D 38 1.86 7.77 -11.28
C GLY D 38 2.75 8.99 -11.46
N ILE D 39 2.68 9.91 -10.49
CA ILE D 39 3.45 11.15 -10.52
C ILE D 39 4.97 10.92 -10.65
N GLY D 40 5.49 9.95 -9.91
CA GLY D 40 6.92 9.67 -9.93
C GLY D 40 7.38 9.19 -11.29
N ALA D 41 6.52 8.44 -11.96
CA ALA D 41 6.84 7.97 -13.30
C ALA D 41 6.81 9.15 -14.27
N ALA D 42 5.73 9.91 -14.24
CA ALA D 42 5.66 11.12 -15.06
C ALA D 42 6.91 11.99 -14.87
N ILE D 43 7.24 12.29 -13.62
CA ILE D 43 8.39 13.13 -13.31
C ILE D 43 9.63 12.61 -14.01
N ALA D 44 9.82 11.29 -13.94
CA ALA D 44 11.02 10.66 -14.48
C ALA D 44 11.09 10.82 -16.00
N ALA D 45 9.97 10.57 -16.66
CA ALA D 45 9.92 10.69 -18.11
C ALA D 45 10.35 12.10 -18.55
N ARG D 46 9.67 13.12 -18.01
CA ARG D 46 10.01 14.51 -18.31
C ARG D 46 11.50 14.82 -18.11
N LEU D 47 12.00 14.63 -16.91
CA LEU D 47 13.41 14.88 -16.65
C LEU D 47 14.30 14.26 -17.73
N ALA D 48 13.96 13.05 -18.16
CA ALA D 48 14.75 12.33 -19.16
C ALA D 48 14.59 12.96 -20.54
N SER D 49 13.40 13.47 -20.82
CA SER D 49 13.17 14.17 -22.07
C SER D 49 13.95 15.48 -22.03
N ASP D 50 13.95 16.15 -20.88
CA ASP D 50 14.66 17.41 -20.73
C ASP D 50 16.15 17.18 -20.83
N GLY D 51 16.54 15.91 -20.89
CA GLY D 51 17.93 15.55 -21.10
C GLY D 51 18.72 15.17 -19.86
N PHE D 52 18.00 14.88 -18.77
CA PHE D 52 18.63 14.34 -17.56
C PHE D 52 18.77 12.83 -17.68
N THR D 53 19.86 12.28 -17.19
CA THR D 53 19.95 10.84 -17.02
C THR D 53 19.24 10.49 -15.72
N VAL D 54 18.25 9.60 -15.79
CA VAL D 54 17.35 9.39 -14.67
C VAL D 54 17.52 8.05 -13.98
N VAL D 55 17.90 8.09 -12.70
CA VAL D 55 17.88 6.89 -11.88
C VAL D 55 16.46 6.72 -11.35
N ILE D 56 15.80 5.66 -11.80
CA ILE D 56 14.46 5.34 -11.35
C ILE D 56 14.57 4.44 -10.13
N ASN D 57 14.00 4.88 -9.02
CA ASN D 57 14.08 4.13 -7.77
C ASN D 57 12.73 3.55 -7.41
N TYR D 58 12.72 2.30 -6.97
CA TYR D 58 11.48 1.61 -6.64
C TYR D 58 11.71 0.75 -5.38
N ALA D 59 10.62 0.42 -4.71
CA ALA D 59 10.71 -0.36 -3.48
C ALA D 59 10.41 -1.84 -3.68
N GLY D 60 9.35 -2.15 -4.44
CA GLY D 60 8.91 -3.53 -4.59
C GLY D 60 9.42 -4.27 -5.83
N LYS D 61 8.49 -4.81 -6.60
CA LYS D 61 8.83 -5.48 -7.84
C LYS D 61 9.45 -4.50 -8.82
N ALA D 62 10.39 -4.97 -9.64
CA ALA D 62 11.03 -4.11 -10.62
C ALA D 62 10.19 -3.92 -11.89
N ALA D 63 8.99 -4.52 -11.91
CA ALA D 63 8.15 -4.56 -13.11
C ALA D 63 7.91 -3.19 -13.76
N ALA D 64 7.28 -2.30 -13.01
CA ALA D 64 6.92 -0.99 -13.53
C ALA D 64 8.16 -0.16 -13.87
N ALA D 65 9.10 -0.09 -12.95
CA ALA D 65 10.33 0.68 -13.14
C ALA D 65 11.14 0.18 -14.33
N GLU D 66 11.13 -1.13 -14.57
CA GLU D 66 11.75 -1.71 -15.76
C GLU D 66 11.10 -1.14 -17.01
N GLU D 67 9.78 -0.94 -16.92
CA GLU D 67 8.99 -0.47 -18.05
C GLU D 67 9.22 1.03 -18.26
N VAL D 68 8.88 1.82 -17.25
CA VAL D 68 9.09 3.25 -17.28
C VAL D 68 10.46 3.58 -17.86
N ALA D 69 11.45 2.79 -17.48
CA ALA D 69 12.81 2.97 -17.97
C ALA D 69 12.87 2.72 -19.47
N GLY D 70 12.11 1.71 -19.90
CA GLY D 70 12.05 1.34 -21.30
C GLY D 70 11.48 2.47 -22.15
N LYS D 71 10.30 2.93 -21.79
CA LYS D 71 9.68 4.03 -22.51
C LYS D 71 10.65 5.20 -22.66
N ILE D 72 11.45 5.43 -21.63
CA ILE D 72 12.44 6.50 -21.68
C ILE D 72 13.42 6.23 -22.81
N GLU D 73 14.07 5.06 -22.77
CA GLU D 73 15.07 4.72 -23.76
C GLU D 73 14.50 4.72 -25.17
N ALA D 74 13.30 4.18 -25.32
CA ALA D 74 12.63 4.11 -26.61
C ALA D 74 12.28 5.49 -27.14
N ALA D 75 12.61 6.53 -26.38
CA ALA D 75 12.48 7.90 -26.84
C ALA D 75 13.83 8.60 -26.78
N GLY D 76 14.88 7.80 -26.71
CA GLY D 76 16.24 8.31 -26.79
C GLY D 76 16.89 8.57 -25.45
N GLY D 77 16.07 8.84 -24.43
CA GLY D 77 16.59 9.13 -23.11
C GLY D 77 17.40 7.99 -22.53
N LYS D 78 18.30 8.30 -21.60
CA LYS D 78 19.04 7.28 -20.87
C LYS D 78 18.50 7.15 -19.43
N ALA D 79 18.19 5.92 -19.03
CA ALA D 79 17.63 5.67 -17.71
C ALA D 79 18.31 4.51 -16.98
N LEU D 80 17.77 4.16 -15.82
CA LEU D 80 18.35 3.12 -14.99
C LEU D 80 17.46 2.87 -13.77
N THR D 81 17.03 1.62 -13.58
CA THR D 81 16.26 1.28 -12.41
C THR D 81 17.21 0.97 -11.26
N ALA D 82 16.70 0.91 -10.04
CA ALA D 82 17.50 0.64 -8.86
C ALA D 82 16.64 0.49 -7.62
N GLN D 83 16.70 -0.68 -6.98
CA GLN D 83 15.88 -0.92 -5.81
C GLN D 83 16.51 -0.30 -4.56
N ALA D 84 15.65 0.21 -3.68
CA ALA D 84 16.06 0.69 -2.37
C ALA D 84 14.87 1.18 -1.57
N ASP D 85 14.82 0.80 -0.30
CA ASP D 85 13.83 1.32 0.62
C ASP D 85 14.40 2.60 1.22
N VAL D 86 13.77 3.73 0.91
CA VAL D 86 14.30 5.04 1.28
C VAL D 86 14.48 5.16 2.78
N SER D 87 13.57 4.54 3.53
CA SER D 87 13.61 4.60 4.98
C SER D 87 14.82 3.87 5.55
N ASP D 88 15.53 3.14 4.69
CA ASP D 88 16.77 2.46 5.09
C ASP D 88 17.99 3.27 4.72
N PRO D 89 18.65 3.88 5.72
CA PRO D 89 19.87 4.65 5.51
C PRO D 89 20.88 3.89 4.66
N ALA D 90 21.32 2.73 5.14
CA ALA D 90 22.26 1.88 4.42
C ALA D 90 21.91 1.75 2.94
N ALA D 91 20.64 1.48 2.67
CA ALA D 91 20.14 1.38 1.31
C ALA D 91 20.38 2.67 0.50
N VAL D 92 19.98 3.79 1.09
CA VAL D 92 20.08 5.09 0.43
C VAL D 92 21.52 5.39 0.01
N ARG D 93 22.46 5.09 0.90
CA ARG D 93 23.88 5.21 0.55
C ARG D 93 24.19 4.40 -0.70
N ARG D 94 23.75 3.13 -0.72
CA ARG D 94 23.93 2.28 -1.90
C ARG D 94 23.33 2.94 -3.15
N LEU D 95 22.08 3.38 -3.03
CA LEU D 95 21.39 4.03 -4.13
C LEU D 95 22.16 5.23 -4.71
N PHE D 96 22.89 5.97 -3.87
CA PHE D 96 23.68 7.09 -4.34
C PHE D 96 25.01 6.65 -4.97
N ALA D 97 25.70 5.72 -4.31
CA ALA D 97 26.93 5.13 -4.86
C ALA D 97 26.65 4.36 -6.15
N THR D 98 25.50 3.70 -6.22
CA THR D 98 25.09 3.07 -7.47
C THR D 98 25.07 4.11 -8.59
N ALA D 99 24.63 5.31 -8.26
CA ALA D 99 24.55 6.38 -9.24
C ALA D 99 25.91 6.99 -9.58
N GLU D 100 26.75 7.18 -8.57
CA GLU D 100 28.06 7.78 -8.80
C GLU D 100 28.92 6.82 -9.59
N GLU D 101 28.88 5.56 -9.15
CA GLU D 101 29.51 4.46 -9.86
C GLU D 101 29.16 4.53 -11.35
N ALA D 102 27.87 4.47 -11.65
CA ALA D 102 27.41 4.39 -13.03
C ALA D 102 27.74 5.65 -13.82
N PHE D 103 27.28 6.81 -13.32
CA PHE D 103 27.25 8.03 -14.13
C PHE D 103 28.18 9.16 -13.68
N GLY D 104 28.94 8.94 -12.63
CA GLY D 104 29.99 9.89 -12.28
C GLY D 104 29.59 11.03 -11.35
N GLY D 105 28.30 11.19 -11.10
CA GLY D 105 27.84 12.24 -10.20
C GLY D 105 26.33 12.28 -10.05
N VAL D 106 25.85 13.12 -9.13
CA VAL D 106 24.42 13.33 -8.99
C VAL D 106 24.09 14.83 -8.96
N ASP D 107 23.19 15.25 -9.83
CA ASP D 107 22.88 16.68 -9.96
C ASP D 107 21.53 17.01 -9.35
N VAL D 108 20.58 16.08 -9.48
CA VAL D 108 19.21 16.35 -9.10
C VAL D 108 18.58 15.20 -8.32
N LEU D 109 17.94 15.53 -7.21
CA LEU D 109 17.22 14.55 -6.41
C LEU D 109 15.75 14.94 -6.29
N VAL D 110 14.87 13.97 -6.52
CA VAL D 110 13.44 14.15 -6.31
C VAL D 110 12.88 13.09 -5.37
N ASN D 111 12.38 13.51 -4.22
CA ASN D 111 11.81 12.60 -3.25
C ASN D 111 10.32 12.40 -3.44
N ASN D 112 9.92 11.64 -4.45
CA ASN D 112 8.51 11.36 -4.63
C ASN D 112 8.02 10.24 -3.74
N ALA D 113 8.91 9.32 -3.39
CA ALA D 113 8.56 8.18 -2.56
C ALA D 113 7.76 8.57 -1.32
N GLY D 114 6.55 8.03 -1.22
CA GLY D 114 5.71 8.25 -0.05
C GLY D 114 4.59 7.24 0.01
N ILE D 115 3.82 7.25 1.10
CA ILE D 115 2.60 6.46 1.20
C ILE D 115 1.54 7.31 1.85
N PRO D 117 -1.79 6.21 3.65
CA PRO D 117 -2.92 5.61 4.38
C PRO D 117 -3.63 6.68 5.19
N LEU D 118 -4.94 6.67 5.19
CA LEU D 118 -5.69 7.72 5.83
C LEU D 118 -6.37 7.25 7.11
N THR D 119 -6.08 7.91 8.22
CA THR D 119 -6.70 7.57 9.50
C THR D 119 -6.90 8.84 10.31
N THR D 120 -8.04 8.93 11.00
CA THR D 120 -8.22 10.01 11.95
C THR D 120 -7.23 9.73 13.06
N ILE D 121 -6.75 10.76 13.73
CA ILE D 121 -5.75 10.55 14.78
C ILE D 121 -6.24 9.58 15.87
N ALA D 122 -7.49 9.74 16.29
CA ALA D 122 -8.06 8.91 17.34
C ALA D 122 -7.97 7.42 17.01
N GLU D 123 -7.94 7.09 15.72
CA GLU D 123 -7.99 5.70 15.29
C GLU D 123 -6.77 5.37 14.45
N THR D 124 -5.65 6.01 14.75
CA THR D 124 -4.42 5.65 14.08
C THR D 124 -3.65 4.68 14.98
N GLY D 125 -3.35 3.50 14.46
CA GLY D 125 -2.59 2.51 15.19
C GLY D 125 -1.11 2.83 15.07
N ASP D 126 -0.29 2.21 15.91
CA ASP D 126 1.13 2.46 15.94
C ASP D 126 1.85 1.99 14.68
N ALA D 127 1.44 0.84 14.14
CA ALA D 127 2.04 0.34 12.92
C ALA D 127 1.95 1.40 11.81
N VAL D 128 0.74 1.92 11.62
CA VAL D 128 0.45 2.93 10.60
C VAL D 128 1.25 4.19 10.83
N PHE D 129 1.07 4.80 12.01
CA PHE D 129 1.82 5.99 12.35
C PHE D 129 3.32 5.83 12.06
N ASP D 130 3.91 4.73 12.51
CA ASP D 130 5.36 4.53 12.35
C ASP D 130 5.73 4.42 10.89
N ARG D 131 4.90 3.72 10.13
CA ARG D 131 5.10 3.49 8.72
C ARG D 131 5.08 4.82 7.91
N VAL D 132 4.08 5.66 8.17
CA VAL D 132 4.00 6.96 7.50
C VAL D 132 5.25 7.83 7.76
N ILE D 133 5.66 7.91 9.02
CA ILE D 133 6.84 8.67 9.40
C ILE D 133 8.11 8.07 8.79
N ALA D 134 8.19 6.74 8.79
CA ALA D 134 9.38 6.08 8.27
C ALA D 134 9.60 6.43 6.80
N VAL D 135 8.54 6.37 6.01
CA VAL D 135 8.66 6.53 4.56
C VAL D 135 8.62 8.00 4.11
N ASN D 136 7.66 8.76 4.63
CA ASN D 136 7.56 10.17 4.27
C ASN D 136 8.64 11.09 4.87
N LEU D 137 8.83 11.00 6.19
CA LEU D 137 9.79 11.87 6.88
C LEU D 137 11.21 11.35 6.85
N LYS D 138 11.44 10.17 7.43
CA LYS D 138 12.79 9.60 7.52
C LYS D 138 13.36 9.28 6.14
N GLY D 139 12.50 8.77 5.26
CA GLY D 139 12.88 8.46 3.90
C GLY D 139 13.50 9.66 3.20
N THR D 140 12.77 10.77 3.16
CA THR D 140 13.29 11.97 2.53
C THR D 140 14.48 12.50 3.32
N PHE D 141 14.42 12.45 4.64
CA PHE D 141 15.57 12.89 5.43
C PHE D 141 16.87 12.17 4.99
N ASN D 142 16.78 10.86 4.79
CA ASN D 142 17.94 10.06 4.39
C ASN D 142 18.55 10.59 3.10
N THR D 143 17.73 10.72 2.06
CA THR D 143 18.20 11.22 0.78
C THR D 143 18.67 12.68 0.83
N LEU D 144 17.98 13.50 1.62
CA LEU D 144 18.45 14.87 1.89
C LEU D 144 19.84 14.90 2.53
N ARG D 145 20.10 13.97 3.45
CA ARG D 145 21.41 13.90 4.10
C ARG D 145 22.52 13.57 3.08
N GLU D 146 22.42 12.41 2.44
CA GLU D 146 23.33 12.05 1.34
C GLU D 146 23.54 13.20 0.34
N ALA D 147 22.44 13.72 -0.20
CA ALA D 147 22.52 14.78 -1.22
C ALA D 147 23.36 15.93 -0.69
N ALA D 148 23.09 16.32 0.54
CA ALA D 148 23.85 17.37 1.17
C ALA D 148 25.34 17.08 1.07
N GLN D 149 25.73 15.83 1.26
CA GLN D 149 27.15 15.47 1.20
C GLN D 149 27.68 15.31 -0.23
N ARG D 150 26.82 14.86 -1.12
CA ARG D 150 27.26 14.37 -2.43
C ARG D 150 26.92 15.26 -3.61
N LEU D 151 25.72 15.81 -3.61
CA LEU D 151 25.17 16.48 -4.79
C LEU D 151 26.12 17.50 -5.40
N ARG D 152 26.27 17.46 -6.72
CA ARG D 152 27.20 18.35 -7.41
C ARG D 152 26.72 19.78 -7.35
N VAL D 153 27.66 20.72 -7.32
CA VAL D 153 27.32 22.14 -7.38
C VAL D 153 26.37 22.40 -8.53
N GLY D 154 25.47 23.37 -8.36
CA GLY D 154 24.53 23.72 -9.41
C GLY D 154 23.34 22.78 -9.46
N GLY D 155 23.23 21.90 -8.48
CA GLY D 155 22.22 20.86 -8.48
C GLY D 155 20.91 21.37 -7.92
N ARG D 156 19.87 20.54 -8.04
CA ARG D 156 18.54 20.90 -7.58
C ARG D 156 17.91 19.78 -6.77
N ILE D 157 17.31 20.13 -5.64
CA ILE D 157 16.56 19.14 -4.87
C ILE D 157 15.10 19.56 -4.83
N ILE D 158 14.21 18.66 -5.24
CA ILE D 158 12.78 18.91 -5.17
C ILE D 158 12.13 17.82 -4.35
N ASN D 159 11.61 18.19 -3.19
CA ASN D 159 10.81 17.27 -2.38
C ASN D 159 9.33 17.34 -2.72
N SER D 161 5.48 17.06 -1.47
CA SER D 161 4.76 17.32 -0.26
C SER D 161 3.32 17.11 -0.64
N THR D 162 2.42 17.81 0.04
CA THR D 162 1.01 17.75 -0.29
C THR D 162 0.27 19.04 0.06
N SER D 163 -0.62 19.45 -0.83
CA SER D 163 -1.51 20.58 -0.58
C SER D 163 -2.29 20.42 0.72
N GLN D 164 -2.33 19.19 1.23
CA GLN D 164 -2.93 18.89 2.52
C GLN D 164 -2.19 19.55 3.68
N VAL D 165 -0.92 19.91 3.47
CA VAL D 165 -0.24 20.74 4.47
C VAL D 165 -1.05 22.01 4.74
N GLY D 166 -1.74 22.51 3.72
CA GLY D 166 -2.63 23.66 3.89
C GLY D 166 -4.09 23.29 4.10
N LEU D 167 -4.61 22.35 3.32
CA LEU D 167 -5.99 21.90 3.49
C LEU D 167 -6.27 21.31 4.87
N LEU D 168 -5.32 20.53 5.38
CA LEU D 168 -5.41 20.01 6.73
C LEU D 168 -6.76 19.35 7.01
N HIS D 169 -7.15 18.43 6.12
CA HIS D 169 -8.42 17.75 6.24
C HIS D 169 -8.39 16.58 7.23
N PRO D 170 -9.54 16.33 7.89
CA PRO D 170 -9.70 15.15 8.75
C PRO D 170 -9.18 13.89 8.09
N SER D 171 -8.45 13.08 8.87
CA SER D 171 -7.88 11.83 8.41
C SER D 171 -6.59 11.99 7.58
N TYR D 172 -6.20 13.23 7.34
CA TYR D 172 -4.89 13.51 6.73
C TYR D 172 -3.86 13.96 7.77
N GLY D 173 -4.24 13.91 9.03
CA GLY D 173 -3.40 14.39 10.12
C GLY D 173 -1.99 13.85 10.19
N ILE D 174 -1.82 12.56 9.89
CA ILE D 174 -0.47 11.94 9.94
C ILE D 174 0.31 12.27 8.68
N TYR D 175 -0.30 11.99 7.54
CA TYR D 175 0.27 12.38 6.24
C TYR D 175 0.68 13.85 6.23
N ALA D 176 -0.18 14.73 6.72
CA ALA D 176 0.14 16.15 6.77
C ALA D 176 1.32 16.44 7.71
N ALA D 177 1.33 15.76 8.85
CA ALA D 177 2.41 15.91 9.82
C ALA D 177 3.74 15.51 9.18
N ALA D 178 3.75 14.36 8.52
CA ALA D 178 4.98 13.89 7.86
C ALA D 178 5.52 14.86 6.80
N LYS D 179 4.64 15.30 5.91
CA LYS D 179 5.04 16.17 4.80
C LYS D 179 5.43 17.59 5.24
N ALA D 180 4.70 18.17 6.20
CA ALA D 180 5.11 19.45 6.77
C ALA D 180 6.54 19.42 7.32
N GLY D 181 6.92 18.29 7.93
CA GLY D 181 8.27 18.15 8.42
C GLY D 181 9.21 18.18 7.23
N VAL D 182 8.79 17.52 6.17
CA VAL D 182 9.51 17.59 4.91
C VAL D 182 9.65 19.03 4.39
N GLU D 183 8.60 19.84 4.51
CA GLU D 183 8.69 21.23 4.04
C GLU D 183 9.64 22.05 4.92
N ALA D 184 9.60 21.78 6.21
CA ALA D 184 10.46 22.44 7.15
C ALA D 184 11.91 22.18 6.78
N THR D 186 13.06 21.22 3.89
CA THR D 186 13.32 21.87 2.60
C THR D 186 13.83 23.30 2.80
N HIS D 187 13.16 24.02 3.69
CA HIS D 187 13.51 25.41 3.97
C HIS D 187 14.89 25.50 4.59
N VAL D 188 15.10 24.80 5.69
CA VAL D 188 16.39 24.80 6.36
C VAL D 188 17.51 24.34 5.41
N LEU D 189 17.33 23.16 4.83
CA LEU D 189 18.36 22.61 3.97
C LEU D 189 18.85 23.64 2.96
N SER D 190 17.93 24.42 2.39
CA SER D 190 18.31 25.40 1.38
C SER D 190 19.33 26.42 1.91
N LYS D 191 19.21 26.74 3.19
CA LYS D 191 20.08 27.72 3.81
C LYS D 191 21.38 27.06 4.22
N GLU D 192 21.29 25.79 4.61
CA GLU D 192 22.47 25.07 5.08
C GLU D 192 23.41 24.76 3.92
N LEU D 193 22.93 24.91 2.68
CA LEU D 193 23.77 24.61 1.54
C LEU D 193 24.27 25.89 0.89
N ARG D 194 24.20 26.98 1.63
CA ARG D 194 24.83 28.23 1.24
C ARG D 194 26.23 27.90 0.75
N GLY D 195 26.63 28.51 -0.35
CA GLY D 195 27.98 28.33 -0.86
C GLY D 195 28.17 27.21 -1.87
N ARG D 196 27.17 26.35 -2.05
CA ARG D 196 27.32 25.26 -3.00
C ARG D 196 26.41 25.35 -4.21
N ASP D 197 25.71 26.48 -4.32
CA ASP D 197 24.87 26.79 -5.45
C ASP D 197 23.86 25.67 -5.74
N ILE D 198 23.22 25.17 -4.68
CA ILE D 198 22.22 24.11 -4.77
C ILE D 198 20.87 24.63 -4.28
N THR D 199 19.80 24.33 -5.02
CA THR D 199 18.47 24.75 -4.62
C THR D 199 17.66 23.62 -3.99
N VAL D 200 16.82 24.00 -3.04
CA VAL D 200 16.01 23.06 -2.30
C VAL D 200 14.60 23.59 -2.24
N ASN D 201 13.72 22.94 -2.97
CA ASN D 201 12.32 23.33 -3.09
C ASN D 201 11.45 22.11 -2.87
N ALA D 202 10.14 22.34 -2.80
CA ALA D 202 9.20 21.24 -2.73
C ALA D 202 8.01 21.54 -3.66
N VAL D 203 7.39 20.50 -4.19
CA VAL D 203 6.15 20.66 -4.93
C VAL D 203 5.05 19.96 -4.17
N ALA D 204 4.00 20.70 -3.84
CA ALA D 204 2.86 20.16 -3.13
C ALA D 204 1.70 19.96 -4.11
N PRO D 205 1.59 18.75 -4.66
CA PRO D 205 0.49 18.48 -5.60
C PRO D 205 -0.83 18.38 -4.86
N GLY D 206 -1.92 18.61 -5.57
CA GLY D 206 -3.22 18.29 -5.03
C GLY D 206 -3.59 16.90 -5.52
N PRO D 207 -4.87 16.52 -5.37
CA PRO D 207 -5.30 15.25 -5.97
C PRO D 207 -4.91 15.20 -7.45
N THR D 208 -4.69 14.01 -8.00
CA THR D 208 -4.31 13.90 -9.41
C THR D 208 -4.92 12.66 -10.09
N VAL D 221 -20.21 11.45 -10.04
CA VAL D 221 -19.27 11.44 -8.91
C VAL D 221 -17.90 11.84 -9.40
N ARG D 222 -17.47 11.20 -10.48
CA ARG D 222 -16.21 11.50 -11.11
C ARG D 222 -16.17 12.98 -11.47
N ASP D 223 -17.31 13.48 -11.96
CA ASP D 223 -17.46 14.89 -12.31
C ASP D 223 -17.31 15.78 -11.09
N ARG D 224 -17.76 15.31 -9.92
CA ARG D 224 -17.66 16.11 -8.71
C ARG D 224 -16.21 16.41 -8.36
N PHE D 225 -15.33 15.43 -8.58
CA PHE D 225 -13.95 15.60 -8.21
C PHE D 225 -13.19 16.45 -9.22
N ALA D 226 -13.55 16.32 -10.49
CA ALA D 226 -12.90 17.07 -11.55
C ALA D 226 -13.20 18.57 -11.42
N LYS D 227 -14.22 18.91 -10.65
CA LYS D 227 -14.63 20.30 -10.50
C LYS D 227 -14.20 20.89 -9.16
N LEU D 228 -13.32 20.21 -8.45
CA LEU D 228 -12.86 20.73 -7.18
C LEU D 228 -12.09 22.04 -7.42
N ALA D 229 -11.12 22.00 -8.34
CA ALA D 229 -10.33 23.17 -8.70
C ALA D 229 -11.17 24.13 -9.54
N PRO D 230 -10.97 25.45 -9.38
CA PRO D 230 -11.67 26.43 -10.21
C PRO D 230 -11.42 26.21 -11.70
N LEU D 231 -10.25 25.69 -12.05
CA LEU D 231 -9.97 25.24 -13.43
C LEU D 231 -10.95 24.15 -13.87
N GLU D 232 -11.82 23.76 -12.94
CA GLU D 232 -12.81 22.70 -13.17
C GLU D 232 -12.34 21.55 -14.06
N ARG D 233 -11.15 21.04 -13.75
CA ARG D 233 -10.64 19.81 -14.35
C ARG D 233 -9.72 19.12 -13.35
N LEU D 234 -9.11 18.02 -13.77
CA LEU D 234 -8.32 17.19 -12.86
C LEU D 234 -6.82 17.31 -13.13
N GLY D 235 -6.03 17.26 -12.07
CA GLY D 235 -4.59 17.32 -12.23
C GLY D 235 -4.07 16.06 -12.89
N THR D 236 -2.98 16.17 -13.64
CA THR D 236 -2.36 15.00 -14.24
C THR D 236 -0.93 14.86 -13.75
N PRO D 237 -0.39 13.64 -13.78
CA PRO D 237 1.02 13.49 -13.44
C PRO D 237 1.89 14.36 -14.35
N GLN D 238 1.38 14.67 -15.53
CA GLN D 238 2.07 15.58 -16.45
C GLN D 238 2.11 17.00 -15.89
N ASP D 239 0.97 17.46 -15.37
CA ASP D 239 0.91 18.74 -14.68
C ASP D 239 2.01 18.84 -13.62
N ILE D 240 2.06 17.86 -12.73
CA ILE D 240 3.00 17.90 -11.62
C ILE D 240 4.44 17.79 -12.13
N ALA D 241 4.72 16.83 -13.02
CA ALA D 241 6.04 16.74 -13.61
C ALA D 241 6.49 18.11 -14.15
N GLY D 242 5.54 18.86 -14.70
CA GLY D 242 5.81 20.19 -15.24
C GLY D 242 6.39 21.16 -14.23
N ALA D 243 5.69 21.32 -13.11
CA ALA D 243 6.18 22.16 -12.03
C ALA D 243 7.58 21.73 -11.58
N VAL D 244 7.77 20.42 -11.44
CA VAL D 244 9.06 19.88 -11.03
C VAL D 244 10.17 20.14 -12.06
N ALA D 245 9.83 20.09 -13.34
CA ALA D 245 10.82 20.28 -14.40
C ALA D 245 11.24 21.75 -14.47
N PHE D 246 10.31 22.65 -14.15
CA PHE D 246 10.62 24.06 -14.01
C PHE D 246 11.65 24.24 -12.89
N LEU D 247 11.39 23.63 -11.75
CA LEU D 247 12.32 23.76 -10.64
C LEU D 247 13.67 23.14 -10.98
N ALA D 248 13.64 22.08 -11.78
CA ALA D 248 14.87 21.39 -12.19
C ALA D 248 15.41 21.97 -13.50
N GLY D 249 14.71 22.95 -14.04
CA GLY D 249 15.11 23.58 -15.27
C GLY D 249 15.92 24.85 -15.04
N PRO D 250 16.24 25.56 -16.12
CA PRO D 250 17.01 26.79 -16.04
C PRO D 250 16.17 27.95 -15.53
N ASP D 251 14.89 27.99 -15.92
CA ASP D 251 13.99 29.04 -15.49
C ASP D 251 13.70 28.94 -13.99
N GLY D 252 14.11 27.84 -13.39
CA GLY D 252 13.90 27.63 -11.97
C GLY D 252 15.07 27.99 -11.09
N ALA D 253 16.17 28.40 -11.70
CA ALA D 253 17.45 28.55 -10.99
C ALA D 253 17.44 29.50 -9.79
N TRP D 254 16.66 30.57 -9.88
CA TRP D 254 16.61 31.57 -8.81
C TRP D 254 15.58 31.23 -7.73
N VAL D 255 14.77 30.21 -8.01
CA VAL D 255 13.78 29.72 -7.06
C VAL D 255 14.40 28.74 -6.07
N ASN D 256 14.24 29.01 -4.76
CA ASN D 256 14.51 28.00 -3.75
C ASN D 256 14.20 28.34 -2.30
N GLY D 257 14.06 27.30 -1.50
CA GLY D 257 13.45 27.39 -0.20
C GLY D 257 11.94 27.51 -0.34
N GLN D 258 11.37 27.13 -1.48
CA GLN D 258 9.93 27.32 -1.70
C GLN D 258 9.14 26.02 -1.75
N VAL D 259 7.91 26.08 -1.25
CA VAL D 259 6.91 25.09 -1.54
C VAL D 259 6.08 25.63 -2.69
N LEU D 260 6.11 24.95 -3.82
CA LEU D 260 5.29 25.33 -4.96
C LEU D 260 4.06 24.42 -5.06
N ARG D 261 2.91 24.91 -4.60
CA ARG D 261 1.69 24.12 -4.70
C ARG D 261 1.17 24.11 -6.13
N ALA D 262 1.15 22.92 -6.72
CA ALA D 262 0.55 22.74 -8.05
C ALA D 262 -0.74 21.94 -7.92
N ASN D 263 -1.86 22.64 -7.84
CA ASN D 263 -3.12 22.02 -7.49
C ASN D 263 -4.34 22.66 -8.17
N GLY D 264 -4.09 23.40 -9.23
CA GLY D 264 -5.16 23.96 -10.03
C GLY D 264 -6.04 24.94 -9.29
N GLY D 265 -5.55 25.45 -8.17
CA GLY D 265 -6.23 26.49 -7.43
C GLY D 265 -7.05 26.06 -6.22
N ILE D 266 -6.78 24.88 -5.66
CA ILE D 266 -7.56 24.44 -4.50
C ILE D 266 -7.19 25.17 -3.21
N ILE D 267 -5.97 25.69 -3.10
CA ILE D 267 -5.59 26.47 -1.91
C ILE D 267 -4.24 27.19 -2.04
#